data_7ULK
#
_entry.id   7ULK
#
_cell.length_a   69.624
_cell.length_b   89.399
_cell.length_c   95.599
_cell.angle_alpha   90.000
_cell.angle_beta   111.560
_cell.angle_gamma   90.000
#
_symmetry.space_group_name_H-M   'P 1 21 1'
#
loop_
_entity.id
_entity.type
_entity.pdbx_description
1 polymer 'Heat shock protein 75 kDa, mitochondrial'
2 non-polymer N,N-dimethyl-7H-purin-6-amine
3 non-polymer 'CALCIUM ION'
4 water water
#
_entity_poly.entity_id   1
_entity_poly.type   'polypeptide(L)'
_entity_poly.pdbx_seq_one_letter_code
;GSTQTAEDKEEPLHSIISSTESVQGSTSKHEFQAETKKLLDIVARSLYSEKEVFIRELISNASDALEKLRHKLVSDGQAL
PEMEIHLQTNAEKGTITIQDTGIGMTQEELVSNLGTIARSGSKAFLDALQNQAEASSKIIGQFGVGFYSAFMVADRVEVY
SRSAAPGSLGYQWLSDGSGVFEIAEASGVRTGTKIIIHLKSDCKEFSSEARVRDVVTKYSNFVSFPLYLNGRRMNTLQAI
WMMDPKDVREWQHEEFYRYVAQAHDKPRYTLHYKTDAPLNIRSIFYVPDMKPSMFDVSRELGSSVALYSRKVLIQTKATD
ILPKWLRFIRGVVDSEDIPLNLSRELLQESALIRKLRDVLQQRLIKFFIDQSKKDAEKYAKFFEDYGLFMREGIVTATEQ
EVKEDIAKLLRYESSALPSGQLTSLSEYASRMRAGTRNIYYLCAPNRHLAEHSPYYEAMKKKDTEVLFCFEQFDELTLLH
LREFDKKKLISVETDIVVDHYKE
;
_entity_poly.pdbx_strand_id   A,B
#
# COMPACT_ATOMS: atom_id res chain seq x y z
N GLU A 11 -9.95 27.75 48.52
CA GLU A 11 -10.19 26.70 47.54
C GLU A 11 -10.57 27.28 46.18
N PRO A 12 -9.63 27.21 45.23
CA PRO A 12 -9.90 27.76 43.89
C PRO A 12 -10.75 26.84 43.04
N LEU A 13 -11.81 26.29 43.62
CA LEU A 13 -12.70 25.40 42.88
C LEU A 13 -13.80 26.21 42.20
N HIS A 14 -13.93 26.03 40.88
CA HIS A 14 -14.89 26.77 40.07
C HIS A 14 -15.77 25.78 39.33
N SER A 15 -17.02 25.63 39.79
CA SER A 15 -17.98 24.75 39.15
C SER A 15 -19.30 25.49 38.95
N ILE A 16 -19.98 25.16 37.85
CA ILE A 16 -21.25 25.80 37.50
C ILE A 16 -22.38 24.80 37.29
N ILE A 17 -22.12 23.51 37.47
CA ILE A 17 -23.10 22.48 37.17
C ILE A 17 -23.94 22.19 38.42
N SER A 18 -25.25 22.32 38.29
CA SER A 18 -26.16 22.03 39.38
C SER A 18 -27.56 21.83 38.81
N SER A 19 -28.40 21.13 39.58
CA SER A 19 -29.76 20.81 39.15
C SER A 19 -30.66 22.01 39.43
N THR A 20 -30.63 22.96 38.50
CA THR A 20 -31.50 24.13 38.56
C THR A 20 -32.70 24.03 37.64
N GLU A 21 -32.69 23.09 36.70
CA GLU A 21 -33.74 22.98 35.71
C GLU A 21 -35.00 22.34 36.29
N SER A 22 -36.13 22.62 35.64
CA SER A 22 -37.39 22.03 36.03
C SER A 22 -38.35 22.14 34.85
N VAL A 23 -39.21 21.13 34.71
CA VAL A 23 -40.22 21.08 33.65
C VAL A 23 -41.59 21.19 34.29
N GLN A 24 -42.39 22.15 33.83
CA GLN A 24 -43.69 22.39 34.43
C GLN A 24 -44.75 21.44 33.87
N GLY A 25 -44.91 21.42 32.55
CA GLY A 25 -45.85 20.54 31.90
C GLY A 25 -45.22 19.24 31.48
N SER A 26 -46.00 18.44 30.77
N SER A 26 -46.00 18.43 30.76
CA SER A 26 -45.51 17.17 30.25
CA SER A 26 -45.52 17.17 30.24
C SER A 26 -44.71 17.39 28.97
C SER A 26 -44.75 17.37 28.95
N THR A 27 -44.00 16.34 28.56
CA THR A 27 -43.18 16.39 27.36
C THR A 27 -43.94 15.82 26.17
N SER A 28 -43.62 16.35 24.98
CA SER A 28 -44.19 15.84 23.75
C SER A 28 -43.23 14.82 23.12
N LYS A 29 -43.80 13.76 22.57
CA LYS A 29 -43.02 12.66 22.01
C LYS A 29 -42.90 12.83 20.50
N HIS A 30 -41.70 12.61 19.99
CA HIS A 30 -41.40 12.78 18.58
C HIS A 30 -40.71 11.54 18.02
N GLU A 31 -40.93 11.28 16.74
CA GLU A 31 -40.27 10.19 16.05
C GLU A 31 -38.90 10.63 15.53
N PHE A 32 -37.97 9.69 15.52
CA PHE A 32 -36.67 9.90 14.89
C PHE A 32 -36.77 9.65 13.39
N GLN A 33 -36.09 10.50 12.61
CA GLN A 33 -36.10 10.31 11.16
C GLN A 33 -35.58 8.92 10.81
N ALA A 34 -35.97 8.47 9.61
CA ALA A 34 -35.56 7.15 9.15
C ALA A 34 -34.05 6.97 9.26
N GLU A 35 -33.28 7.93 8.75
CA GLU A 35 -31.82 7.83 8.83
C GLU A 35 -31.35 7.83 10.28
N THR A 36 -31.77 8.82 11.06
CA THR A 36 -31.27 8.96 12.43
C THR A 36 -31.44 7.69 13.24
N LYS A 37 -32.60 7.03 13.11
CA LYS A 37 -32.83 5.82 13.88
C LYS A 37 -31.79 4.75 13.55
N LYS A 38 -31.50 4.55 12.27
CA LYS A 38 -30.43 3.64 11.90
C LYS A 38 -29.10 4.10 12.48
N LEU A 39 -28.88 5.42 12.46
CA LEU A 39 -27.62 5.97 12.94
C LEU A 39 -27.39 5.65 14.41
N LEU A 40 -28.38 5.89 15.27
CA LEU A 40 -28.19 5.68 16.70
C LEU A 40 -27.79 4.24 17.02
N ASP A 41 -28.17 3.28 16.18
CA ASP A 41 -27.75 1.90 16.41
C ASP A 41 -26.30 1.68 15.99
N ILE A 42 -25.94 2.14 14.79
CA ILE A 42 -24.56 2.02 14.33
C ILE A 42 -23.62 2.81 15.23
N VAL A 43 -24.04 4.01 15.64
CA VAL A 43 -23.21 4.85 16.49
C VAL A 43 -22.89 4.13 17.80
N ALA A 44 -23.84 3.37 18.33
CA ALA A 44 -23.66 2.69 19.60
C ALA A 44 -22.99 1.32 19.44
N ARG A 45 -22.20 1.15 18.39
CA ARG A 45 -21.42 -0.07 18.18
C ARG A 45 -19.98 0.27 17.81
N GLU A 50 -12.43 3.74 19.86
CA GLU A 50 -13.20 3.00 20.85
C GLU A 50 -14.47 3.77 21.22
N LYS A 51 -14.79 3.81 22.51
CA LYS A 51 -15.95 4.55 23.01
C LYS A 51 -15.61 5.91 23.60
N GLU A 52 -14.39 6.09 24.12
CA GLU A 52 -14.00 7.30 24.83
C GLU A 52 -13.99 8.54 23.94
N VAL A 53 -14.03 8.38 22.61
CA VAL A 53 -13.98 9.53 21.72
C VAL A 53 -15.15 10.48 21.93
N PHE A 54 -16.24 10.01 22.52
CA PHE A 54 -17.41 10.88 22.70
C PHE A 54 -17.06 12.12 23.52
N ILE A 55 -16.17 11.97 24.52
CA ILE A 55 -15.70 13.13 25.27
C ILE A 55 -15.07 14.13 24.30
N ARG A 56 -14.20 13.65 23.42
CA ARG A 56 -13.61 14.51 22.39
C ARG A 56 -14.68 15.25 21.61
N GLU A 57 -15.69 14.53 21.13
CA GLU A 57 -16.73 15.13 20.31
C GLU A 57 -17.51 16.18 21.08
N LEU A 58 -17.90 15.86 22.32
CA LEU A 58 -18.70 16.79 23.11
C LEU A 58 -17.90 18.05 23.46
N ILE A 59 -16.63 17.88 23.86
CA ILE A 59 -15.79 19.05 24.13
C ILE A 59 -15.67 19.91 22.89
N SER A 60 -15.46 19.29 21.73
CA SER A 60 -15.36 20.05 20.49
C SER A 60 -16.67 20.80 20.20
N ASN A 61 -17.81 20.14 20.39
CA ASN A 61 -19.09 20.80 20.17
C ASN A 61 -19.24 22.00 21.10
N ALA A 62 -18.94 21.81 22.39
CA ALA A 62 -18.99 22.93 23.33
C ALA A 62 -18.11 24.09 22.88
N SER A 63 -16.89 23.78 22.42
CA SER A 63 -15.99 24.82 21.96
C SER A 63 -16.58 25.60 20.79
N ASP A 64 -17.18 24.90 19.83
CA ASP A 64 -17.83 25.58 18.71
C ASP A 64 -18.96 26.48 19.19
N ALA A 65 -19.79 25.98 20.09
CA ALA A 65 -20.89 26.77 20.62
C ALA A 65 -20.37 28.05 21.28
N LEU A 66 -19.34 27.93 22.11
CA LEU A 66 -18.76 29.12 22.73
C LEU A 66 -18.18 30.06 21.68
N GLU A 67 -17.57 29.51 20.64
CA GLU A 67 -16.98 30.37 19.60
C GLU A 67 -18.04 31.18 18.87
N LYS A 68 -19.17 30.54 18.53
CA LYS A 68 -20.23 31.28 17.84
C LYS A 68 -20.73 32.44 18.69
N LEU A 69 -20.99 32.19 19.98
CA LEU A 69 -21.46 33.25 20.85
C LEU A 69 -20.43 34.37 20.95
N ARG A 70 -19.17 34.02 21.21
CA ARG A 70 -18.13 35.03 21.32
C ARG A 70 -18.01 35.84 20.02
N HIS A 71 -18.04 35.15 18.88
CA HIS A 71 -17.96 35.85 17.60
C HIS A 71 -19.14 36.81 17.43
N LYS A 72 -20.34 36.39 17.82
CA LYS A 72 -21.51 37.24 17.67
C LYS A 72 -21.46 38.43 18.61
N LEU A 73 -21.04 38.22 19.87
CA LEU A 73 -20.99 39.32 20.83
C LEU A 73 -19.96 40.38 20.44
N VAL A 74 -18.85 39.97 19.82
CA VAL A 74 -17.84 40.95 19.40
C VAL A 74 -18.35 41.74 18.21
N SER A 75 -19.08 41.09 17.31
CA SER A 75 -19.66 41.80 16.17
C SER A 75 -20.65 42.87 16.62
N ASP A 76 -21.38 42.62 17.71
CA ASP A 76 -22.32 43.58 18.26
C ASP A 76 -21.69 44.45 19.34
N GLY A 77 -20.36 44.44 19.47
CA GLY A 77 -19.66 45.27 20.42
C GLY A 77 -20.19 45.15 21.83
N GLN A 78 -20.78 44.00 22.16
CA GLN A 78 -21.31 43.76 23.49
C GLN A 78 -20.28 43.06 24.38
N ALA A 79 -20.40 43.31 25.69
CA ALA A 79 -19.51 42.68 26.65
C ALA A 79 -19.58 41.17 26.54
N LEU A 80 -18.46 40.51 26.89
CA LEU A 80 -18.38 39.06 26.81
C LEU A 80 -18.68 38.44 28.16
N PRO A 81 -19.58 37.46 28.23
CA PRO A 81 -19.84 36.80 29.52
C PRO A 81 -18.86 35.67 29.78
N GLU A 82 -19.08 34.93 30.87
CA GLU A 82 -18.24 33.78 31.14
C GLU A 82 -18.41 32.74 30.04
N MET A 83 -17.30 32.39 29.39
CA MET A 83 -17.29 31.43 28.29
C MET A 83 -16.39 30.28 28.70
N GLU A 84 -17.02 29.19 29.16
CA GLU A 84 -16.29 28.07 29.76
C GLU A 84 -16.93 26.75 29.37
N ILE A 85 -16.14 25.68 29.47
CA ILE A 85 -16.60 24.33 29.29
C ILE A 85 -16.37 23.59 30.60
N HIS A 86 -17.43 23.00 31.15
CA HIS A 86 -17.37 22.32 32.44
C HIS A 86 -17.76 20.86 32.27
N LEU A 87 -17.00 19.98 32.90
CA LEU A 87 -17.27 18.55 32.91
C LEU A 87 -17.45 18.09 34.35
N GLN A 88 -18.45 17.24 34.57
CA GLN A 88 -18.75 16.71 35.90
C GLN A 88 -18.96 15.21 35.82
N THR A 89 -18.46 14.50 36.83
CA THR A 89 -18.66 13.08 36.97
C THR A 89 -19.37 12.82 38.30
N ASN A 90 -20.36 11.93 38.28
CA ASN A 90 -21.09 11.55 39.48
C ASN A 90 -21.12 10.02 39.55
N ALA A 91 -20.38 9.45 40.51
CA ALA A 91 -20.27 8.00 40.59
C ALA A 91 -21.56 7.38 41.13
N GLU A 92 -22.19 8.01 42.12
N GLU A 92 -22.19 8.02 42.11
CA GLU A 92 -23.41 7.47 42.68
CA GLU A 92 -23.41 7.45 42.68
C GLU A 92 -24.51 7.38 41.64
C GLU A 92 -24.52 7.38 41.64
N LYS A 93 -24.58 8.34 40.73
CA LYS A 93 -25.61 8.38 39.71
C LYS A 93 -25.14 7.79 38.38
N GLY A 94 -23.89 7.39 38.27
CA GLY A 94 -23.39 6.82 37.03
C GLY A 94 -23.60 7.73 35.84
N THR A 95 -23.28 9.02 36.01
CA THR A 95 -23.54 10.02 35.00
C THR A 95 -22.26 10.76 34.65
N ILE A 96 -22.19 11.28 33.43
CA ILE A 96 -21.15 12.21 32.99
C ILE A 96 -21.86 13.41 32.37
N THR A 97 -21.46 14.62 32.78
CA THR A 97 -22.14 15.83 32.35
C THR A 97 -21.15 16.82 31.76
N ILE A 98 -21.53 17.42 30.63
CA ILE A 98 -20.74 18.46 29.99
C ILE A 98 -21.64 19.67 29.74
N GLN A 99 -21.22 20.83 30.22
CA GLN A 99 -21.98 22.07 30.06
C GLN A 99 -21.08 23.17 29.53
N ASP A 100 -21.58 23.90 28.54
CA ASP A 100 -20.89 25.07 28.00
C ASP A 100 -21.82 26.27 28.06
N THR A 101 -21.23 27.45 28.18
CA THR A 101 -21.97 28.71 28.22
C THR A 101 -21.97 29.39 26.85
N GLY A 102 -22.22 28.63 25.80
CA GLY A 102 -22.17 29.12 24.44
C GLY A 102 -23.49 29.65 23.93
N ILE A 103 -23.66 29.60 22.61
CA ILE A 103 -24.80 30.23 21.97
C ILE A 103 -26.11 29.49 22.26
N GLY A 104 -26.04 28.23 22.65
CA GLY A 104 -27.24 27.48 22.96
C GLY A 104 -28.02 27.09 21.71
N MET A 105 -29.23 26.59 21.95
CA MET A 105 -30.09 26.12 20.89
C MET A 105 -31.52 26.53 21.16
N THR A 106 -32.26 26.88 20.10
CA THR A 106 -33.69 27.09 20.19
C THR A 106 -34.41 25.76 20.05
N GLN A 107 -35.72 25.77 20.29
CA GLN A 107 -36.49 24.54 20.15
C GLN A 107 -36.37 23.98 18.74
N GLU A 108 -36.32 24.85 17.74
CA GLU A 108 -36.17 24.40 16.36
C GLU A 108 -34.84 23.69 16.16
N GLU A 109 -33.74 24.32 16.58
CA GLU A 109 -32.43 23.69 16.46
C GLU A 109 -32.35 22.44 17.33
N LEU A 110 -32.97 22.47 18.50
CA LEU A 110 -32.98 21.30 19.38
C LEU A 110 -33.71 20.13 18.72
N VAL A 111 -34.80 20.42 18.01
CA VAL A 111 -35.55 19.36 17.34
C VAL A 111 -34.72 18.75 16.22
N SER A 112 -34.08 19.57 15.41
CA SER A 112 -33.22 19.05 14.35
C SER A 112 -31.94 18.48 14.93
N ASN A 113 -31.31 19.21 15.84
CA ASN A 113 -30.08 18.78 16.49
C ASN A 113 -29.01 18.40 15.47
N GLY A 146 -21.49 13.54 15.57
CA GLY A 146 -20.90 14.35 16.62
C GLY A 146 -21.62 14.23 17.95
N PHE A 147 -22.73 14.95 18.09
CA PHE A 147 -23.50 14.89 19.33
C PHE A 147 -23.96 13.47 19.63
N TYR A 148 -24.44 12.75 18.61
CA TYR A 148 -24.94 11.40 18.83
C TYR A 148 -23.85 10.42 19.23
N SER A 149 -22.59 10.81 19.19
CA SER A 149 -21.53 9.97 19.73
C SER A 149 -21.78 9.67 21.21
N ALA A 150 -22.49 10.56 21.90
CA ALA A 150 -22.85 10.33 23.29
C ALA A 150 -23.55 8.99 23.48
N PHE A 151 -24.32 8.55 22.49
CA PHE A 151 -25.04 7.29 22.60
C PHE A 151 -24.13 6.08 22.50
N MET A 152 -22.84 6.28 22.20
CA MET A 152 -21.88 5.18 22.27
C MET A 152 -21.84 4.57 23.66
N VAL A 153 -22.05 5.39 24.71
CA VAL A 153 -21.90 4.95 26.08
C VAL A 153 -23.14 5.22 26.92
N ALA A 154 -24.17 5.86 26.36
CA ALA A 154 -25.31 6.33 27.12
C ALA A 154 -26.47 5.35 27.02
N ASP A 155 -27.08 5.03 28.16
CA ASP A 155 -28.34 4.31 28.16
C ASP A 155 -29.48 5.25 27.82
N ARG A 156 -29.31 6.54 28.15
CA ARG A 156 -30.27 7.59 27.84
C ARG A 156 -29.55 8.92 27.95
N VAL A 157 -29.96 9.89 27.14
CA VAL A 157 -29.35 11.20 27.10
C VAL A 157 -30.35 12.24 27.57
N GLU A 158 -29.87 13.21 28.36
CA GLU A 158 -30.68 14.28 28.92
C GLU A 158 -29.99 15.60 28.62
N VAL A 159 -30.66 16.46 27.85
CA VAL A 159 -30.08 17.70 27.37
C VAL A 159 -30.95 18.88 27.81
N TYR A 160 -30.29 19.94 28.24
CA TYR A 160 -30.95 21.22 28.53
C TYR A 160 -30.21 22.31 27.76
N SER A 161 -30.95 23.13 27.03
CA SER A 161 -30.35 24.17 26.21
C SER A 161 -31.23 25.42 26.21
N ARG A 162 -30.58 26.58 26.20
CA ARG A 162 -31.26 27.87 26.10
C ARG A 162 -30.46 28.77 25.19
N SER A 163 -31.08 29.24 24.11
CA SER A 163 -30.37 30.08 23.16
C SER A 163 -29.93 31.38 23.82
N ALA A 164 -28.80 31.92 23.34
CA ALA A 164 -28.30 33.18 23.86
C ALA A 164 -29.10 34.39 23.40
N ALA A 165 -29.98 34.22 22.41
CA ALA A 165 -30.80 35.34 21.96
C ALA A 165 -31.63 35.86 23.13
N PRO A 166 -31.85 37.18 23.21
CA PRO A 166 -32.63 37.73 24.32
C PRO A 166 -34.06 37.24 24.29
N GLY A 167 -34.64 37.07 25.46
CA GLY A 167 -36.00 36.58 25.57
C GLY A 167 -36.19 35.16 25.09
N SER A 168 -35.22 34.29 25.34
CA SER A 168 -35.28 32.90 24.93
C SER A 168 -35.75 32.03 26.09
N LEU A 169 -36.23 30.84 25.75
CA LEU A 169 -36.73 29.91 26.74
C LEU A 169 -35.86 28.66 26.80
N GLY A 170 -35.84 28.04 27.99
CA GLY A 170 -35.13 26.78 28.15
C GLY A 170 -35.96 25.59 27.73
N TYR A 171 -35.30 24.59 27.17
CA TYR A 171 -35.97 23.39 26.68
C TYR A 171 -35.23 22.16 27.16
N GLN A 172 -35.99 21.09 27.39
CA GLN A 172 -35.46 19.80 27.81
C GLN A 172 -35.57 18.81 26.66
N TRP A 173 -34.49 18.07 26.40
CA TRP A 173 -34.46 17.08 25.34
C TRP A 173 -34.07 15.75 25.95
N LEU A 174 -34.93 14.75 25.77
CA LEU A 174 -34.73 13.43 26.35
C LEU A 174 -34.79 12.36 25.28
N SER A 175 -33.93 11.35 25.41
CA SER A 175 -33.92 10.23 24.49
C SER A 175 -33.14 9.09 25.10
N ASP A 176 -33.66 7.87 24.95
CA ASP A 176 -32.98 6.66 25.38
C ASP A 176 -32.25 5.98 24.24
N GLY A 177 -32.16 6.65 23.09
CA GLY A 177 -31.53 6.05 21.92
C GLY A 177 -32.42 5.12 21.14
N SER A 178 -33.72 5.18 21.36
CA SER A 178 -34.73 4.35 20.72
C SER A 178 -35.43 5.22 19.67
N GLY A 179 -36.60 4.77 19.21
CA GLY A 179 -37.34 5.46 18.18
C GLY A 179 -38.16 6.67 18.59
N VAL A 180 -37.93 7.20 19.78
CA VAL A 180 -38.67 8.36 20.26
C VAL A 180 -37.78 9.20 21.18
N PHE A 181 -37.88 10.52 21.02
CA PHE A 181 -37.25 11.48 21.91
C PHE A 181 -38.32 12.43 22.41
N GLU A 182 -38.01 13.12 23.51
CA GLU A 182 -38.98 13.99 24.18
C GLU A 182 -38.44 15.40 24.28
N ILE A 183 -39.33 16.37 24.06
CA ILE A 183 -38.99 17.79 24.18
C ILE A 183 -40.02 18.46 25.09
N ALA A 184 -39.55 19.40 25.90
CA ALA A 184 -40.45 20.12 26.80
C ALA A 184 -39.79 21.42 27.23
N GLU A 185 -40.63 22.43 27.49
CA GLU A 185 -40.12 23.69 28.00
C GLU A 185 -39.63 23.53 29.43
N ALA A 186 -38.48 24.12 29.73
CA ALA A 186 -37.85 23.96 31.03
C ALA A 186 -37.46 25.31 31.60
N SER A 187 -37.62 25.46 32.91
CA SER A 187 -37.21 26.65 33.63
C SER A 187 -35.86 26.42 34.30
N GLY A 188 -35.17 27.51 34.61
CA GLY A 188 -33.86 27.41 35.21
C GLY A 188 -32.79 26.85 34.30
N VAL A 189 -32.93 27.06 33.00
CA VAL A 189 -31.94 26.60 32.02
C VAL A 189 -30.99 27.76 31.74
N ARG A 190 -29.72 27.59 32.09
CA ARG A 190 -28.73 28.62 31.84
C ARG A 190 -28.43 28.71 30.35
N THR A 191 -28.13 29.93 29.90
CA THR A 191 -27.73 30.12 28.51
C THR A 191 -26.61 29.15 28.15
N GLY A 192 -26.68 28.61 26.94
CA GLY A 192 -25.75 27.57 26.54
C GLY A 192 -26.40 26.21 26.48
N THR A 193 -25.64 25.16 26.80
CA THR A 193 -26.14 23.80 26.69
C THR A 193 -25.57 22.93 27.81
N LYS A 194 -26.42 22.06 28.34
CA LYS A 194 -26.04 21.08 29.35
C LYS A 194 -26.45 19.70 28.84
N ILE A 195 -25.51 18.76 28.87
N ILE A 195 -25.51 18.75 28.88
CA ILE A 195 -25.74 17.39 28.43
CA ILE A 195 -25.75 17.40 28.42
C ILE A 195 -25.44 16.46 29.59
C ILE A 195 -25.43 16.45 29.57
N ILE A 196 -26.43 15.70 30.01
CA ILE A 196 -26.28 14.71 31.08
C ILE A 196 -26.40 13.33 30.46
N ILE A 197 -25.32 12.56 30.54
CA ILE A 197 -25.25 11.22 29.96
C ILE A 197 -25.37 10.21 31.09
N HIS A 198 -26.44 9.43 31.08
CA HIS A 198 -26.61 8.32 32.01
C HIS A 198 -25.96 7.10 31.38
N LEU A 199 -24.73 6.82 31.78
CA LEU A 199 -23.95 5.78 31.12
C LEU A 199 -24.56 4.40 31.39
N LYS A 200 -24.54 3.56 30.37
CA LYS A 200 -24.95 2.18 30.56
C LYS A 200 -23.91 1.44 31.40
N SER A 201 -24.33 0.33 31.99
CA SER A 201 -23.49 -0.38 32.94
C SER A 201 -22.14 -0.77 32.35
N ASP A 202 -22.08 -0.99 31.03
CA ASP A 202 -20.84 -1.38 30.39
C ASP A 202 -19.84 -0.24 30.27
N CYS A 203 -20.23 1.00 30.58
CA CYS A 203 -19.38 2.17 30.41
C CYS A 203 -19.36 3.03 31.66
N LYS A 204 -19.63 2.42 32.82
CA LYS A 204 -19.63 3.16 34.07
C LYS A 204 -18.27 3.78 34.40
N GLU A 205 -17.20 3.31 33.74
CA GLU A 205 -15.88 3.88 33.98
C GLU A 205 -15.85 5.38 33.72
N PHE A 206 -16.61 5.85 32.74
CA PHE A 206 -16.65 7.28 32.43
C PHE A 206 -17.34 8.11 33.50
N SER A 207 -17.74 7.49 34.61
CA SER A 207 -18.19 8.21 35.79
C SER A 207 -17.08 8.41 36.81
N SER A 208 -15.87 7.96 36.51
CA SER A 208 -14.72 8.14 37.38
C SER A 208 -13.91 9.35 36.92
N GLU A 209 -13.54 10.21 37.87
CA GLU A 209 -12.79 11.41 37.53
C GLU A 209 -11.42 11.07 36.96
N ALA A 210 -10.80 10.00 37.46
CA ALA A 210 -9.46 9.64 36.98
C ALA A 210 -9.51 9.21 35.52
N ARG A 211 -10.49 8.40 35.15
CA ARG A 211 -10.58 7.93 33.77
C ARG A 211 -10.89 9.08 32.81
N VAL A 212 -11.78 9.99 33.21
CA VAL A 212 -12.13 11.10 32.33
C VAL A 212 -10.98 12.09 32.22
N ARG A 213 -10.29 12.34 33.33
CA ARG A 213 -9.15 13.26 33.29
C ARG A 213 -8.10 12.80 32.30
N ASP A 214 -7.78 11.50 32.30
CA ASP A 214 -6.85 10.96 31.33
C ASP A 214 -7.35 11.18 29.90
N VAL A 215 -8.64 11.01 29.68
CA VAL A 215 -9.21 11.20 28.34
C VAL A 215 -9.09 12.66 27.92
N VAL A 216 -9.49 13.58 28.80
CA VAL A 216 -9.47 15.00 28.45
C VAL A 216 -8.05 15.45 28.13
N THR A 217 -7.10 15.13 29.01
CA THR A 217 -5.72 15.55 28.78
C THR A 217 -5.17 15.03 27.47
N LYS A 218 -5.48 13.78 27.13
CA LYS A 218 -4.95 13.19 25.91
C LYS A 218 -5.52 13.84 24.66
N TYR A 219 -6.84 14.09 24.66
CA TYR A 219 -7.53 14.54 23.45
C TYR A 219 -7.66 16.06 23.38
N SER A 220 -8.21 16.68 24.42
CA SER A 220 -8.64 18.07 24.40
C SER A 220 -7.65 19.01 25.07
N ASN A 221 -6.35 18.71 24.97
CA ASN A 221 -5.34 19.53 25.64
C ASN A 221 -5.28 20.96 25.12
N PHE A 222 -5.59 21.17 23.84
CA PHE A 222 -5.42 22.47 23.20
C PHE A 222 -6.72 23.24 23.00
N VAL A 223 -7.80 22.84 23.67
CA VAL A 223 -9.07 23.57 23.52
C VAL A 223 -8.86 25.03 23.90
N SER A 224 -9.43 25.93 23.09
CA SER A 224 -9.17 27.36 23.21
C SER A 224 -9.98 28.03 24.31
N PHE A 225 -10.94 27.35 24.91
CA PHE A 225 -11.72 27.94 26.00
C PHE A 225 -11.43 27.22 27.32
N PRO A 226 -11.50 27.93 28.44
CA PRO A 226 -11.23 27.30 29.73
C PRO A 226 -12.14 26.09 29.94
N LEU A 227 -11.52 24.95 30.23
CA LEU A 227 -12.22 23.70 30.45
C LEU A 227 -12.00 23.25 31.88
N TYR A 228 -13.08 22.89 32.57
CA TYR A 228 -13.03 22.49 33.96
C TYR A 228 -13.57 21.08 34.12
N LEU A 229 -12.97 20.32 35.04
CA LEU A 229 -13.42 18.97 35.37
C LEU A 229 -13.70 18.93 36.87
N ASN A 230 -14.99 18.79 37.22
CA ASN A 230 -15.41 18.79 38.62
C ASN A 230 -14.90 20.02 39.36
N GLY A 231 -14.88 21.16 38.66
CA GLY A 231 -14.50 22.42 39.24
C GLY A 231 -13.02 22.75 39.18
N ARG A 232 -12.20 21.91 38.57
CA ARG A 232 -10.76 22.11 38.50
C ARG A 232 -10.34 22.42 37.07
N ARG A 233 -9.59 23.52 36.90
CA ARG A 233 -9.09 23.89 35.57
C ARG A 233 -8.15 22.81 35.05
N MET A 234 -8.27 22.49 33.77
CA MET A 234 -7.50 21.41 33.15
C MET A 234 -6.49 21.91 32.14
N ASN A 235 -6.94 22.64 31.13
CA ASN A 235 -6.12 22.98 29.96
C ASN A 235 -5.32 24.25 30.16
N THR A 236 -4.08 24.23 29.67
CA THR A 236 -3.20 25.40 29.68
C THR A 236 -2.39 25.59 28.41
N LEU A 237 -2.41 24.64 27.48
CA LEU A 237 -1.60 24.73 26.27
C LEU A 237 -2.33 25.52 25.20
N GLN A 238 -1.57 26.25 24.41
CA GLN A 238 -2.11 27.11 23.36
C GLN A 238 -1.86 26.48 21.99
N ALA A 239 -2.91 26.39 21.19
CA ALA A 239 -2.80 25.86 19.82
C ALA A 239 -2.24 26.96 18.94
N ILE A 240 -0.92 27.17 19.04
CA ILE A 240 -0.26 28.26 18.35
C ILE A 240 -0.38 28.15 16.84
N TRP A 241 -0.69 26.95 16.32
CA TRP A 241 -0.82 26.82 14.87
C TRP A 241 -2.05 27.52 14.33
N MET A 242 -3.00 27.87 15.21
CA MET A 242 -4.15 28.65 14.80
C MET A 242 -3.88 30.15 14.78
N MET A 243 -2.82 30.59 15.44
CA MET A 243 -2.50 32.01 15.50
C MET A 243 -2.08 32.52 14.13
N ASP A 244 -2.03 33.84 14.02
CA ASP A 244 -1.50 34.46 12.81
C ASP A 244 -0.02 34.15 12.70
N PRO A 245 0.45 33.60 11.58
CA PRO A 245 1.87 33.19 11.50
C PRO A 245 2.86 34.26 11.94
N LYS A 246 2.61 35.52 11.60
CA LYS A 246 3.54 36.59 11.97
C LYS A 246 3.46 36.96 13.44
N ASP A 247 2.44 36.50 14.16
CA ASP A 247 2.31 36.83 15.58
C ASP A 247 3.05 35.84 16.48
N VAL A 248 3.15 34.58 16.06
CA VAL A 248 3.83 33.57 16.88
C VAL A 248 5.27 34.00 17.13
N ARG A 249 5.67 34.01 18.40
CA ARG A 249 7.02 34.41 18.78
C ARG A 249 7.95 33.21 18.77
N GLU A 250 9.24 33.49 18.60
CA GLU A 250 10.24 32.43 18.53
C GLU A 250 10.17 31.54 19.77
N TRP A 251 9.91 32.13 20.94
CA TRP A 251 9.86 31.32 22.16
C TRP A 251 8.69 30.35 22.15
N GLN A 252 7.59 30.71 21.49
CA GLN A 252 6.45 29.80 21.37
C GLN A 252 6.78 28.62 20.45
N HIS A 253 7.39 28.92 19.29
CA HIS A 253 7.77 27.85 18.38
C HIS A 253 8.74 26.87 19.04
N GLU A 254 9.72 27.38 19.79
CA GLU A 254 10.67 26.51 20.48
C GLU A 254 9.98 25.68 21.55
N GLU A 255 9.09 26.30 22.34
CA GLU A 255 8.38 25.56 23.37
C GLU A 255 7.48 24.49 22.75
N PHE A 256 6.80 24.82 21.65
CA PHE A 256 5.92 23.86 21.00
C PHE A 256 6.71 22.74 20.33
N TYR A 257 7.83 23.09 19.67
CA TYR A 257 8.66 22.08 19.03
C TYR A 257 9.13 21.04 20.03
N ARG A 258 9.62 21.49 21.19
CA ARG A 258 10.08 20.54 22.21
C ARG A 258 8.93 19.67 22.71
N TYR A 259 7.71 20.20 22.73
CA TYR A 259 6.57 19.41 23.19
C TYR A 259 6.19 18.35 22.16
N VAL A 260 6.04 18.76 20.90
CA VAL A 260 5.60 17.82 19.86
C VAL A 260 6.72 16.83 19.54
N ALA A 261 7.96 17.30 19.51
CA ALA A 261 9.09 16.42 19.21
C ALA A 261 9.66 15.74 20.43
N GLN A 262 9.19 16.07 21.63
CA GLN A 262 9.76 15.56 22.87
C GLN A 262 11.28 15.70 22.87
N ALA A 263 11.76 16.84 22.37
CA ALA A 263 13.17 17.11 22.26
C ALA A 263 13.56 18.27 23.17
N HIS A 264 14.87 18.47 23.31
CA HIS A 264 15.43 19.56 24.09
C HIS A 264 16.22 20.56 23.26
N ASP A 265 16.42 20.31 21.97
CA ASP A 265 17.13 21.24 21.11
C ASP A 265 16.13 22.27 20.56
N LYS A 266 16.58 23.05 19.59
CA LYS A 266 15.72 24.02 18.91
C LYS A 266 15.51 23.62 17.46
N PRO A 267 14.49 24.17 16.80
CA PRO A 267 14.27 23.88 15.38
C PRO A 267 15.12 24.81 14.51
N ARG A 268 15.82 24.21 13.54
CA ARG A 268 16.58 25.00 12.58
C ARG A 268 15.70 25.57 11.48
N TYR A 269 14.56 24.94 11.21
CA TYR A 269 13.60 25.42 10.23
C TYR A 269 12.21 25.38 10.84
N THR A 270 11.40 26.39 10.53
CA THR A 270 10.03 26.46 11.00
C THR A 270 9.14 26.91 9.86
N LEU A 271 8.12 26.13 9.56
CA LEU A 271 7.16 26.44 8.50
C LEU A 271 5.76 26.45 9.10
N HIS A 272 5.14 27.63 9.12
CA HIS A 272 3.77 27.80 9.59
C HIS A 272 2.89 27.89 8.36
N TYR A 273 2.17 26.82 8.06
CA TYR A 273 1.44 26.67 6.81
C TYR A 273 -0.06 26.66 7.11
N LYS A 274 -0.76 27.68 6.60
CA LYS A 274 -2.21 27.80 6.75
C LYS A 274 -2.81 28.01 5.36
N THR A 275 -3.84 27.21 5.04
CA THR A 275 -4.48 27.31 3.74
CA THR A 275 -4.48 27.29 3.74
C THR A 275 -5.89 26.73 3.85
N ASP A 276 -6.77 27.23 2.98
CA ASP A 276 -8.15 26.78 2.94
C ASP A 276 -8.65 26.50 1.52
N ALA A 277 -7.83 26.70 0.49
CA ALA A 277 -8.25 26.53 -0.89
C ALA A 277 -8.50 25.07 -1.20
N PRO A 278 -7.47 24.22 -1.23
CA PRO A 278 -7.71 22.80 -1.49
C PRO A 278 -8.44 22.14 -0.33
N LEU A 279 -7.85 22.24 0.87
CA LEU A 279 -8.47 21.76 2.08
C LEU A 279 -8.23 22.78 3.19
N ASN A 280 -8.79 22.52 4.36
CA ASN A 280 -8.51 23.33 5.53
C ASN A 280 -7.26 22.79 6.23
N ILE A 281 -6.22 23.62 6.28
CA ILE A 281 -4.92 23.20 6.81
C ILE A 281 -4.40 24.28 7.73
N ARG A 282 -4.19 23.95 9.00
CA ARG A 282 -3.48 24.77 9.97
C ARG A 282 -2.35 23.90 10.52
N SER A 283 -1.13 24.17 10.12
CA SER A 283 -0.03 23.27 10.42
C SER A 283 1.26 24.04 10.70
N ILE A 284 2.14 23.42 11.48
CA ILE A 284 3.50 23.89 11.71
C ILE A 284 4.42 22.70 11.58
N PHE A 285 5.51 22.87 10.83
CA PHE A 285 6.50 21.82 10.62
C PHE A 285 7.85 22.31 11.09
N TYR A 286 8.57 21.47 11.82
CA TYR A 286 9.89 21.80 12.36
C TYR A 286 10.91 20.81 11.84
N VAL A 287 12.10 21.31 11.55
CA VAL A 287 13.27 20.48 11.25
C VAL A 287 14.23 20.56 12.44
N PRO A 288 14.54 19.44 13.08
CA PRO A 288 15.38 19.51 14.30
C PRO A 288 16.75 20.10 14.01
N ASP A 289 17.30 20.77 15.04
CA ASP A 289 18.65 21.32 14.94
C ASP A 289 19.70 20.22 14.90
N MET A 290 19.43 19.10 15.54
CA MET A 290 20.35 17.97 15.58
C MET A 290 20.41 17.28 14.23
N LYS A 291 21.44 16.46 14.06
CA LYS A 291 21.52 15.58 12.91
C LYS A 291 20.52 14.45 13.11
N PRO A 292 20.09 13.80 12.03
CA PRO A 292 19.15 12.69 12.20
C PRO A 292 19.78 11.59 13.03
N SER A 293 18.93 10.91 13.80
CA SER A 293 19.35 9.82 14.66
C SER A 293 19.05 8.48 14.01
N MET A 294 19.77 7.46 14.47
CA MET A 294 19.54 6.11 13.94
CA MET A 294 19.54 6.11 13.96
C MET A 294 18.08 5.71 14.06
N PHE A 295 17.36 6.23 15.06
CA PHE A 295 15.94 5.94 15.17
C PHE A 295 15.15 6.67 14.11
N ASP A 296 15.57 7.89 13.75
CA ASP A 296 14.84 8.65 12.74
C ASP A 296 14.98 8.01 11.36
N VAL A 297 16.17 7.50 11.05
CA VAL A 297 16.41 6.92 9.73
C VAL A 297 15.75 5.56 9.60
N SER A 298 15.60 4.84 10.71
CA SER A 298 15.08 3.49 10.73
C SER A 298 13.67 3.39 11.28
N ARG A 299 13.10 4.50 11.75
CA ARG A 299 11.72 4.48 12.22
C ARG A 299 10.80 3.95 11.14
N GLU A 300 9.91 3.04 11.52
CA GLU A 300 8.94 2.43 10.62
C GLU A 300 7.53 2.66 11.14
N LEU A 301 6.64 3.12 10.26
CA LEU A 301 5.24 3.35 10.57
C LEU A 301 5.03 4.55 11.49
N GLY A 302 5.91 5.54 11.40
CA GLY A 302 5.75 6.76 12.15
C GLY A 302 6.09 7.97 11.28
N SER A 303 5.51 9.10 11.63
CA SER A 303 5.84 10.35 10.97
C SER A 303 6.24 11.47 11.92
N SER A 304 6.02 11.31 13.23
CA SER A 304 6.32 12.34 14.21
C SER A 304 5.56 13.63 13.92
N VAL A 305 4.35 13.51 13.39
CA VAL A 305 3.47 14.65 13.17
C VAL A 305 2.14 14.37 13.83
N ALA A 306 1.62 15.34 14.58
CA ALA A 306 0.34 15.22 15.25
C ALA A 306 -0.80 15.65 14.32
N LEU A 307 -1.88 14.88 14.32
CA LEU A 307 -3.05 15.21 13.52
C LEU A 307 -4.12 15.77 14.43
N TYR A 308 -4.67 16.93 14.05
CA TYR A 308 -5.69 17.60 14.85
C TYR A 308 -6.83 18.05 13.95
N SER A 309 -7.99 18.24 14.57
CA SER A 309 -9.17 18.79 13.91
C SER A 309 -9.88 19.71 14.88
N ARG A 310 -9.92 21.00 14.56
CA ARG A 310 -10.49 22.01 15.45
C ARG A 310 -9.85 21.94 16.84
N LYS A 311 -8.53 21.93 16.86
CA LYS A 311 -7.74 21.93 18.09
C LYS A 311 -7.95 20.68 18.93
N VAL A 312 -8.59 19.66 18.37
CA VAL A 312 -8.85 18.40 19.05
C VAL A 312 -8.04 17.30 18.38
N LEU A 313 -7.39 16.46 19.19
CA LEU A 313 -6.50 15.44 18.67
C LEU A 313 -7.28 14.36 17.92
N ILE A 314 -6.73 13.93 16.80
CA ILE A 314 -7.28 12.83 16.01
C ILE A 314 -6.43 11.57 16.15
N GLN A 315 -5.13 11.67 15.91
N GLN A 315 -5.14 11.67 15.88
CA GLN A 315 -4.22 10.54 16.02
CA GLN A 315 -4.24 10.53 16.05
C GLN A 315 -2.84 11.08 16.35
C GLN A 315 -2.85 11.07 16.34
N THR A 316 -2.36 10.82 17.56
CA THR A 316 -1.00 11.19 17.90
C THR A 316 -0.04 10.27 17.15
N LYS A 317 0.98 10.87 16.54
CA LYS A 317 1.90 10.13 15.70
C LYS A 317 1.18 9.57 14.48
N ALA A 318 0.51 10.48 13.78
CA ALA A 318 -0.17 10.13 12.54
C ALA A 318 0.81 9.47 11.59
N THR A 319 0.35 8.40 10.94
CA THR A 319 1.26 7.57 10.18
C THR A 319 1.39 7.97 8.72
N ASP A 320 0.29 8.38 8.10
CA ASP A 320 0.25 8.61 6.65
C ASP A 320 -0.05 10.06 6.31
N ILE A 321 0.29 10.98 7.22
CA ILE A 321 0.03 12.39 6.95
CA ILE A 321 0.04 12.40 6.96
C ILE A 321 1.09 12.99 6.04
N LEU A 322 2.32 12.51 6.11
CA LEU A 322 3.42 12.96 5.29
C LEU A 322 4.07 11.77 4.61
N PRO A 323 4.70 11.97 3.46
CA PRO A 323 5.46 10.88 2.84
C PRO A 323 6.52 10.37 3.79
N LYS A 324 6.81 9.07 3.69
CA LYS A 324 7.74 8.45 4.63
C LYS A 324 9.12 9.13 4.60
N TRP A 325 9.53 9.64 3.44
CA TRP A 325 10.82 10.31 3.38
C TRP A 325 10.85 11.63 4.12
N LEU A 326 9.68 12.17 4.50
CA LEU A 326 9.59 13.37 5.33
C LEU A 326 9.33 13.04 6.78
N ARG A 327 9.67 11.83 7.23
CA ARG A 327 9.42 11.43 8.61
C ARG A 327 10.30 12.16 9.59
N PHE A 328 11.41 12.76 9.15
CA PHE A 328 12.24 13.56 10.03
C PHE A 328 11.59 14.87 10.43
N ILE A 329 10.42 15.18 9.87
CA ILE A 329 9.71 16.41 10.20
C ILE A 329 8.95 16.24 11.51
N ARG A 330 8.98 17.27 12.34
CA ARG A 330 8.21 17.34 13.57
C ARG A 330 7.17 18.46 13.41
N GLY A 331 6.03 18.30 14.07
CA GLY A 331 5.05 19.36 14.05
C GLY A 331 3.65 18.81 14.20
N VAL A 332 2.70 19.54 13.61
CA VAL A 332 1.27 19.27 13.78
C VAL A 332 0.56 19.63 12.48
N VAL A 333 -0.50 18.88 12.18
CA VAL A 333 -1.37 19.16 11.04
C VAL A 333 -2.80 19.22 11.57
N ASP A 334 -3.49 20.33 11.30
N ASP A 334 -3.49 20.33 11.30
CA ASP A 334 -4.86 20.53 11.74
CA ASP A 334 -4.86 20.53 11.74
C ASP A 334 -5.73 20.75 10.52
C ASP A 334 -5.73 20.75 10.52
N SER A 335 -6.77 19.92 10.38
CA SER A 335 -7.70 20.03 9.27
C SER A 335 -9.09 19.63 9.75
N GLU A 336 -10.06 20.51 9.55
CA GLU A 336 -11.44 20.20 9.86
C GLU A 336 -12.06 19.19 8.90
N ASP A 337 -11.39 18.91 7.78
CA ASP A 337 -11.88 17.96 6.78
C ASP A 337 -11.29 16.57 7.04
N ILE A 338 -11.55 16.09 8.25
CA ILE A 338 -11.09 14.78 8.70
C ILE A 338 -12.29 14.04 9.26
N PRO A 339 -12.49 12.76 8.94
CA PRO A 339 -13.66 12.04 9.44
C PRO A 339 -13.80 12.12 10.95
N LEU A 340 -12.84 11.53 11.67
CA LEU A 340 -12.78 11.59 13.13
C LEU A 340 -11.88 10.49 13.67
N SER A 350 -10.20 5.37 7.16
CA SER A 350 -8.81 5.80 7.04
C SER A 350 -8.26 5.47 5.67
N ALA A 351 -8.84 6.07 4.63
CA ALA A 351 -8.45 5.76 3.25
C ALA A 351 -8.11 6.98 2.42
N LEU A 352 -9.00 7.96 2.32
CA LEU A 352 -8.86 9.06 1.37
C LEU A 352 -8.28 10.31 2.02
N ILE A 353 -7.15 10.14 2.70
CA ILE A 353 -6.38 11.26 3.22
C ILE A 353 -5.28 11.72 2.25
N ARG A 354 -4.84 10.87 1.31
CA ARG A 354 -3.73 11.14 0.40
C ARG A 354 -3.71 12.55 -0.19
N LYS A 355 -4.89 13.13 -0.44
CA LYS A 355 -4.93 14.48 -1.01
C LYS A 355 -4.20 15.47 -0.11
N LEU A 356 -4.30 15.28 1.20
CA LEU A 356 -3.61 16.17 2.13
C LEU A 356 -2.10 15.87 2.15
N ARG A 357 -1.74 14.59 2.04
CA ARG A 357 -0.33 14.22 2.04
CA ARG A 357 -0.33 14.22 2.04
C ARG A 357 0.40 14.84 0.85
N ASP A 358 -0.20 14.79 -0.33
CA ASP A 358 0.45 15.33 -1.51
C ASP A 358 0.56 16.85 -1.44
N VAL A 359 -0.45 17.52 -0.89
CA VAL A 359 -0.40 18.97 -0.76
C VAL A 359 0.75 19.38 0.16
N LEU A 360 0.93 18.67 1.28
CA LEU A 360 1.98 19.02 2.21
C LEU A 360 3.36 18.71 1.66
N GLN A 361 3.49 17.61 0.92
CA GLN A 361 4.77 17.28 0.30
C GLN A 361 5.23 18.41 -0.62
N GLN A 362 4.33 18.88 -1.49
CA GLN A 362 4.67 20.00 -2.37
C GLN A 362 4.99 21.25 -1.57
N ARG A 363 4.20 21.54 -0.54
CA ARG A 363 4.46 22.73 0.26
C ARG A 363 5.80 22.65 0.98
N LEU A 364 6.12 21.47 1.52
CA LEU A 364 7.41 21.32 2.20
C LEU A 364 8.56 21.36 1.20
N ILE A 365 8.38 20.77 0.02
CA ILE A 365 9.41 20.86 -1.00
C ILE A 365 9.62 22.31 -1.44
N LYS A 366 8.52 23.05 -1.62
CA LYS A 366 8.66 24.47 -1.95
C LYS A 366 9.37 25.21 -0.83
N PHE A 367 9.05 24.89 0.42
CA PHE A 367 9.67 25.58 1.56
C PHE A 367 11.18 25.40 1.54
N PHE A 368 11.65 24.20 1.22
CA PHE A 368 13.08 23.95 1.23
C PHE A 368 13.77 24.61 0.05
N ILE A 369 13.13 24.59 -1.12
CA ILE A 369 13.66 25.33 -2.27
C ILE A 369 13.83 26.80 -1.91
N ASP A 370 12.82 27.39 -1.26
CA ASP A 370 12.93 28.79 -0.86
C ASP A 370 14.04 28.98 0.18
N GLN A 371 14.18 28.03 1.10
CA GLN A 371 15.21 28.14 2.13
C GLN A 371 16.61 28.13 1.50
N SER A 372 16.80 27.33 0.45
CA SER A 372 18.09 27.31 -0.23
C SER A 372 18.39 28.64 -0.88
N LYS A 373 17.37 29.35 -1.36
CA LYS A 373 17.59 30.66 -1.98
C LYS A 373 17.81 31.75 -0.96
N LYS A 374 17.16 31.66 0.20
CA LYS A 374 17.32 32.68 1.24
C LYS A 374 18.67 32.58 1.94
N ASP A 375 19.10 31.37 2.29
CA ASP A 375 20.39 31.16 2.94
C ASP A 375 20.99 29.88 2.37
N ALA A 376 21.96 30.03 1.46
CA ALA A 376 22.57 28.87 0.81
C ALA A 376 23.44 28.07 1.76
N GLU A 377 24.05 28.73 2.75
CA GLU A 377 24.96 28.01 3.65
C GLU A 377 24.19 27.19 4.67
N LYS A 378 23.12 27.76 5.25
CA LYS A 378 22.29 26.99 6.18
C LYS A 378 21.66 25.79 5.48
N TYR A 379 21.24 25.96 4.22
CA TYR A 379 20.67 24.85 3.48
C TYR A 379 21.70 23.79 3.16
N ALA A 380 22.97 24.20 2.95
CA ALA A 380 24.02 23.23 2.65
C ALA A 380 24.19 22.22 3.77
N LYS A 381 24.27 22.69 5.02
CA LYS A 381 24.39 21.76 6.14
C LYS A 381 23.12 20.94 6.33
N PHE A 382 21.96 21.53 6.07
CA PHE A 382 20.72 20.76 6.11
C PHE A 382 20.76 19.62 5.10
N PHE A 383 21.21 19.91 3.88
CA PHE A 383 21.36 18.86 2.87
C PHE A 383 22.35 17.80 3.34
N GLU A 384 23.48 18.22 3.90
CA GLU A 384 24.46 17.27 4.44
C GLU A 384 23.85 16.40 5.53
N ASP A 385 22.97 16.96 6.35
CA ASP A 385 22.43 16.22 7.49
C ASP A 385 21.22 15.37 7.11
N TYR A 386 20.42 15.82 6.15
CA TYR A 386 19.16 15.15 5.82
C TYR A 386 19.05 14.75 4.37
N GLY A 387 20.12 14.88 3.59
CA GLY A 387 20.05 14.50 2.19
C GLY A 387 19.67 13.05 1.98
N LEU A 388 20.03 12.18 2.93
CA LEU A 388 19.70 10.76 2.80
C LEU A 388 18.20 10.56 2.65
N PHE A 389 17.40 11.30 3.44
CA PHE A 389 15.95 11.17 3.34
C PHE A 389 15.46 11.52 1.94
N MET A 390 16.08 12.53 1.32
CA MET A 390 15.65 12.96 -0.01
C MET A 390 16.03 11.94 -1.08
N ARG A 391 17.23 11.38 -0.99
CA ARG A 391 17.61 10.30 -1.90
C ARG A 391 16.72 9.09 -1.70
N GLU A 392 16.40 8.76 -0.45
CA GLU A 392 15.46 7.67 -0.19
C GLU A 392 14.09 7.98 -0.79
N GLY A 393 13.63 9.22 -0.65
CA GLY A 393 12.33 9.58 -1.21
C GLY A 393 12.27 9.41 -2.71
N ILE A 394 13.38 9.67 -3.41
CA ILE A 394 13.40 9.50 -4.86
C ILE A 394 13.46 8.01 -5.22
N VAL A 395 14.33 7.27 -4.54
CA VAL A 395 14.44 5.83 -4.80
C VAL A 395 13.12 5.12 -4.53
N THR A 396 12.35 5.60 -3.55
CA THR A 396 11.09 4.96 -3.19
C THR A 396 9.90 5.49 -3.97
N ALA A 397 10.05 6.60 -4.69
CA ALA A 397 8.94 7.16 -5.43
C ALA A 397 8.60 6.28 -6.62
N THR A 398 7.33 6.33 -7.03
CA THR A 398 6.84 5.55 -8.17
C THR A 398 6.43 6.39 -9.37
N GLU A 399 6.06 7.65 -9.16
CA GLU A 399 5.68 8.54 -10.25
C GLU A 399 6.81 9.53 -10.53
N GLN A 400 6.94 9.90 -11.82
CA GLN A 400 8.08 10.69 -12.25
C GLN A 400 8.02 12.12 -11.73
N GLU A 401 6.82 12.71 -11.63
CA GLU A 401 6.73 14.10 -11.25
C GLU A 401 7.16 14.31 -9.80
N VAL A 402 6.94 13.33 -8.94
CA VAL A 402 7.40 13.43 -7.55
C VAL A 402 8.91 13.28 -7.48
N LYS A 403 9.47 12.34 -8.24
CA LYS A 403 10.92 12.16 -8.27
C LYS A 403 11.64 13.44 -8.67
N GLU A 404 11.12 14.14 -9.68
CA GLU A 404 11.75 15.37 -10.13
C GLU A 404 11.62 16.47 -9.08
N ASP A 405 10.47 16.53 -8.40
CA ASP A 405 10.29 17.54 -7.36
C ASP A 405 11.27 17.35 -6.22
N ILE A 406 11.37 16.12 -5.70
CA ILE A 406 12.33 15.84 -4.64
C ILE A 406 13.75 16.08 -5.13
N ALA A 407 14.04 15.65 -6.36
CA ALA A 407 15.38 15.86 -6.92
C ALA A 407 15.75 17.34 -7.00
N LYS A 408 14.76 18.23 -7.04
CA LYS A 408 15.05 19.66 -7.03
C LYS A 408 15.79 20.08 -5.77
N LEU A 409 15.72 19.29 -4.71
CA LEU A 409 16.41 19.59 -3.47
C LEU A 409 17.84 19.06 -3.45
N LEU A 410 18.16 18.10 -4.32
CA LEU A 410 19.48 17.50 -4.31
C LEU A 410 20.55 18.50 -4.77
N ARG A 411 21.73 18.38 -4.19
CA ARG A 411 22.87 19.23 -4.51
C ARG A 411 24.05 18.36 -4.93
N TYR A 412 24.82 18.84 -5.89
CA TYR A 412 26.01 18.14 -6.36
C TYR A 412 27.12 19.16 -6.56
N GLU A 413 28.31 18.66 -6.88
CA GLU A 413 29.42 19.49 -7.31
C GLU A 413 29.53 19.44 -8.84
N SER A 414 30.08 20.50 -9.41
CA SER A 414 30.19 20.63 -10.86
C SER A 414 31.65 20.85 -11.24
N SER A 415 31.99 20.42 -12.46
CA SER A 415 33.33 20.63 -12.98
C SER A 415 33.59 22.11 -13.25
N ALA A 416 32.55 22.88 -13.56
CA ALA A 416 32.71 24.30 -13.84
C ALA A 416 32.87 25.14 -12.57
N LEU A 417 32.37 24.66 -11.44
CA LEU A 417 32.45 25.40 -10.19
C LEU A 417 33.62 24.89 -9.34
N PRO A 418 34.12 25.72 -8.44
CA PRO A 418 35.29 25.32 -7.64
C PRO A 418 34.94 24.23 -6.65
N SER A 419 36.00 23.57 -6.17
CA SER A 419 35.83 22.52 -5.17
C SER A 419 35.11 23.06 -3.95
N GLY A 420 34.07 22.33 -3.52
CA GLY A 420 33.32 22.66 -2.33
C GLY A 420 32.03 23.42 -2.59
N GLN A 421 31.86 24.00 -3.78
CA GLN A 421 30.66 24.75 -4.11
C GLN A 421 29.60 23.81 -4.66
N LEU A 422 28.37 23.97 -4.19
CA LEU A 422 27.26 23.12 -4.60
C LEU A 422 26.46 23.78 -5.72
N THR A 423 25.68 22.95 -6.41
CA THR A 423 24.82 23.41 -7.48
C THR A 423 23.61 22.48 -7.59
N SER A 424 22.49 23.04 -8.02
CA SER A 424 21.26 22.27 -8.20
C SER A 424 21.17 21.73 -9.63
N LEU A 425 20.33 20.72 -9.81
CA LEU A 425 20.10 20.18 -11.15
C LEU A 425 19.51 21.22 -12.08
N SER A 426 18.70 22.15 -11.55
CA SER A 426 18.12 23.19 -12.39
C SER A 426 19.18 24.21 -12.83
N GLU A 427 20.10 24.54 -11.93
CA GLU A 427 21.16 25.48 -12.29
C GLU A 427 22.07 24.88 -13.37
N TYR A 428 22.32 23.58 -13.29
CA TYR A 428 23.05 22.90 -14.36
C TYR A 428 22.26 22.93 -15.67
N ALA A 429 20.96 22.65 -15.60
CA ALA A 429 20.13 22.69 -16.80
C ALA A 429 20.06 24.10 -17.39
N SER A 430 20.04 25.12 -16.54
CA SER A 430 20.02 26.49 -17.03
C SER A 430 21.28 26.82 -17.82
N ARG A 431 22.44 26.35 -17.37
CA ARG A 431 23.71 26.73 -17.97
C ARG A 431 24.12 25.87 -19.16
N MET A 432 23.41 24.78 -19.43
CA MET A 432 23.76 23.95 -20.58
C MET A 432 23.51 24.71 -21.87
N ARG A 433 24.40 24.51 -22.84
CA ARG A 433 24.27 25.16 -24.15
C ARG A 433 23.45 24.31 -25.11
N ILE A 439 21.94 15.66 -19.03
CA ILE A 439 22.63 15.91 -17.78
C ILE A 439 23.69 14.84 -17.58
N TYR A 440 24.95 15.26 -17.47
CA TYR A 440 26.08 14.33 -17.38
C TYR A 440 26.67 14.38 -15.97
N TYR A 441 26.91 13.21 -15.38
CA TYR A 441 27.42 13.14 -14.02
C TYR A 441 28.49 12.05 -13.96
N LEU A 442 29.32 12.13 -12.92
CA LEU A 442 30.36 11.14 -12.67
C LEU A 442 30.52 10.99 -11.17
N CYS A 443 30.36 9.75 -10.68
CA CYS A 443 30.45 9.47 -9.27
C CYS A 443 31.85 8.95 -8.96
N ALA A 444 32.57 9.67 -8.09
CA ALA A 444 33.93 9.29 -7.72
C ALA A 444 34.16 9.54 -6.23
N PRO A 445 35.26 9.05 -5.66
CA PRO A 445 35.50 9.25 -4.22
C PRO A 445 35.45 10.70 -3.79
N ASN A 446 36.19 11.58 -4.48
CA ASN A 446 36.20 13.00 -4.13
C ASN A 446 36.47 13.82 -5.37
N ARG A 447 36.61 15.14 -5.18
CA ARG A 447 36.72 16.05 -6.32
C ARG A 447 37.99 15.81 -7.10
N HIS A 448 39.14 15.78 -6.42
CA HIS A 448 40.41 15.65 -7.14
C HIS A 448 40.44 14.35 -7.94
N LEU A 449 39.97 13.26 -7.34
CA LEU A 449 39.90 12.00 -8.07
C LEU A 449 38.98 12.12 -9.27
N ALA A 450 37.91 12.92 -9.15
CA ALA A 450 37.00 13.12 -10.27
C ALA A 450 37.67 13.86 -11.42
N GLU A 451 38.40 14.94 -11.12
CA GLU A 451 39.06 15.68 -12.18
C GLU A 451 40.12 14.86 -12.86
N HIS A 452 40.71 13.90 -12.14
CA HIS A 452 41.76 13.05 -12.69
C HIS A 452 41.24 11.72 -13.21
N SER A 453 39.97 11.41 -13.00
CA SER A 453 39.41 10.21 -13.60
C SER A 453 39.40 10.34 -15.11
N PRO A 454 39.78 9.28 -15.84
CA PRO A 454 39.80 9.38 -17.31
C PRO A 454 38.46 9.78 -17.91
N TYR A 455 37.35 9.38 -17.28
CA TYR A 455 36.03 9.68 -17.81
C TYR A 455 35.80 11.18 -17.95
N TYR A 456 36.36 11.98 -17.03
CA TYR A 456 36.04 13.40 -17.00
C TYR A 456 36.73 14.20 -18.10
N GLU A 457 38.00 13.90 -18.42
CA GLU A 457 38.70 14.71 -19.42
C GLU A 457 37.99 14.69 -20.77
N ALA A 458 37.50 13.53 -21.19
CA ALA A 458 36.82 13.44 -22.48
C ALA A 458 35.56 14.30 -22.49
N LYS A 462 34.85 19.40 -24.88
CA LYS A 462 33.65 19.86 -25.58
C LYS A 462 32.90 20.91 -24.76
N ASP A 463 33.58 21.41 -23.73
CA ASP A 463 33.02 22.44 -22.85
C ASP A 463 31.65 22.03 -22.32
N THR A 464 31.51 20.75 -22.00
CA THR A 464 30.33 20.23 -21.34
C THR A 464 30.64 20.06 -19.86
N GLU A 465 29.78 20.59 -18.99
CA GLU A 465 29.98 20.46 -17.57
C GLU A 465 29.35 19.17 -17.06
N VAL A 466 29.99 18.56 -16.07
CA VAL A 466 29.58 17.28 -15.51
C VAL A 466 29.39 17.42 -14.01
N LEU A 467 28.30 16.85 -13.50
CA LEU A 467 28.08 16.82 -12.06
C LEU A 467 28.89 15.71 -11.43
N PHE A 468 29.33 15.94 -10.19
CA PHE A 468 30.20 15.00 -9.49
C PHE A 468 29.53 14.52 -8.20
N CYS A 469 29.19 13.23 -8.18
CA CYS A 469 28.66 12.53 -7.01
C CYS A 469 29.82 11.80 -6.33
N PHE A 470 29.66 11.55 -5.03
CA PHE A 470 30.69 10.87 -4.25
C PHE A 470 30.22 9.59 -3.57
N GLU A 471 28.92 9.40 -3.40
CA GLU A 471 28.38 8.26 -2.69
C GLU A 471 27.73 7.29 -3.68
N GLN A 472 27.75 6.00 -3.33
CA GLN A 472 27.11 5.01 -4.18
C GLN A 472 25.60 5.17 -4.17
N PHE A 473 25.04 5.71 -3.10
CA PHE A 473 23.61 5.99 -3.09
C PHE A 473 23.27 7.13 -4.04
N ASP A 474 24.16 8.13 -4.13
CA ASP A 474 23.96 9.21 -5.10
C ASP A 474 23.77 8.65 -6.50
N GLU A 475 24.62 7.70 -6.91
CA GLU A 475 24.48 7.11 -8.24
C GLU A 475 23.17 6.35 -8.36
N LEU A 476 22.87 5.49 -7.40
CA LEU A 476 21.60 4.77 -7.42
C LEU A 476 20.42 5.73 -7.39
N THR A 477 20.56 6.85 -6.66
CA THR A 477 19.51 7.86 -6.67
C THR A 477 19.35 8.44 -8.08
N LEU A 478 20.46 8.86 -8.70
CA LEU A 478 20.39 9.38 -10.06
C LEU A 478 19.98 8.30 -11.04
N LEU A 479 20.29 7.04 -10.73
CA LEU A 479 19.85 5.93 -11.57
C LEU A 479 18.34 5.77 -11.51
N HIS A 480 17.75 5.89 -10.32
CA HIS A 480 16.30 5.84 -10.21
C HIS A 480 15.65 7.07 -10.84
N LEU A 481 16.26 8.24 -10.66
CA LEU A 481 15.82 9.47 -11.31
C LEU A 481 16.40 9.48 -12.71
N ARG A 482 15.69 8.83 -13.64
CA ARG A 482 16.20 8.68 -15.00
C ARG A 482 16.40 10.03 -15.68
N GLU A 483 15.49 10.98 -15.43
CA GLU A 483 15.54 12.26 -16.13
C GLU A 483 15.02 13.37 -15.23
N PHE A 484 15.52 14.57 -15.47
CA PHE A 484 15.06 15.79 -14.82
C PHE A 484 14.69 16.80 -15.90
N ASP A 485 13.45 17.28 -15.86
CA ASP A 485 12.97 18.29 -16.79
C ASP A 485 13.19 17.85 -18.24
N LYS A 486 12.82 16.60 -18.52
CA LYS A 486 12.93 15.97 -19.84
C LYS A 486 14.37 15.84 -20.32
N LYS A 487 15.34 16.07 -19.44
CA LYS A 487 16.75 15.86 -19.78
C LYS A 487 17.20 14.57 -19.12
N LYS A 488 17.66 13.62 -19.92
CA LYS A 488 18.02 12.32 -19.40
C LYS A 488 19.36 12.39 -18.67
N LEU A 489 19.48 11.60 -17.61
CA LEU A 489 20.70 11.56 -16.83
C LEU A 489 21.59 10.44 -17.36
N ILE A 490 22.81 10.79 -17.72
CA ILE A 490 23.75 9.88 -18.34
C ILE A 490 25.06 9.95 -17.58
N SER A 491 25.55 8.82 -17.11
CA SER A 491 26.81 8.78 -16.40
C SER A 491 27.97 8.76 -17.38
N VAL A 492 29.00 9.57 -17.07
CA VAL A 492 30.19 9.62 -17.90
C VAL A 492 30.77 8.22 -18.06
N GLU A 493 31.18 7.61 -16.96
CA GLU A 493 31.75 6.27 -16.96
C GLU A 493 30.68 5.22 -16.76
N GLU B 11 -1.60 -28.61 -46.95
CA GLU B 11 -1.39 -30.04 -46.98
C GLU B 11 -1.35 -30.64 -45.57
N PRO B 12 -0.40 -30.20 -44.73
CA PRO B 12 -0.31 -30.73 -43.37
C PRO B 12 -1.30 -30.07 -42.43
N LEU B 13 -2.54 -29.91 -42.90
CA LEU B 13 -3.60 -29.29 -42.11
C LEU B 13 -4.34 -30.37 -41.34
N HIS B 14 -4.48 -30.18 -40.03
CA HIS B 14 -5.11 -31.15 -39.15
C HIS B 14 -6.26 -30.48 -38.41
N SER B 15 -7.49 -30.77 -38.85
CA SER B 15 -8.69 -30.23 -38.23
C SER B 15 -9.70 -31.35 -38.02
N ILE B 16 -10.49 -31.22 -36.95
CA ILE B 16 -11.49 -32.21 -36.58
C ILE B 16 -12.88 -31.62 -36.46
N ILE B 17 -13.05 -30.32 -36.72
CA ILE B 17 -14.31 -29.63 -36.49
C ILE B 17 -15.14 -29.69 -37.77
N SER B 18 -16.36 -30.21 -37.66
CA SER B 18 -17.28 -30.28 -38.79
C SER B 18 -18.69 -30.49 -38.24
N SER B 19 -19.67 -30.17 -39.08
CA SER B 19 -21.08 -30.24 -38.69
C SER B 19 -21.55 -31.68 -38.82
N THR B 20 -21.28 -32.47 -37.78
CA THR B 20 -21.74 -33.84 -37.71
C THR B 20 -22.96 -34.04 -36.82
N GLU B 21 -23.28 -33.06 -35.98
CA GLU B 21 -24.37 -33.21 -35.02
C GLU B 21 -25.73 -32.98 -35.68
N SER B 22 -26.76 -33.53 -35.06
CA SER B 22 -28.13 -33.33 -35.49
C SER B 22 -29.06 -33.66 -34.34
N VAL B 23 -30.17 -32.93 -34.26
CA VAL B 23 -31.17 -33.13 -33.23
C VAL B 23 -32.45 -33.65 -33.89
N GLN B 24 -32.93 -34.79 -33.41
CA GLN B 24 -34.11 -35.43 -33.99
C GLN B 24 -35.41 -34.87 -33.40
N GLY B 25 -35.54 -34.91 -32.08
CA GLY B 25 -36.71 -34.42 -31.41
C GLY B 25 -36.57 -32.97 -30.96
N SER B 26 -37.56 -32.51 -30.21
CA SER B 26 -37.54 -31.14 -29.72
C SER B 26 -36.71 -31.04 -28.44
N THR B 27 -36.40 -29.81 -28.06
CA THR B 27 -35.61 -29.54 -26.86
C THR B 27 -36.50 -29.19 -25.69
N SER B 28 -36.01 -29.48 -24.48
N SER B 28 -36.01 -29.48 -24.48
CA SER B 28 -36.72 -29.15 -23.26
CA SER B 28 -36.70 -29.15 -23.25
C SER B 28 -36.15 -27.86 -22.68
C SER B 28 -36.14 -27.85 -22.69
N LYS B 29 -37.04 -26.93 -22.32
CA LYS B 29 -36.62 -25.67 -21.74
C LYS B 29 -36.35 -25.84 -20.25
N HIS B 30 -35.26 -25.24 -19.78
CA HIS B 30 -34.81 -25.39 -18.40
C HIS B 30 -34.59 -24.01 -17.79
N GLU B 31 -34.75 -23.94 -16.47
CA GLU B 31 -34.59 -22.68 -15.76
C GLU B 31 -33.12 -22.41 -15.46
N PHE B 32 -32.73 -21.15 -15.54
CA PHE B 32 -31.45 -20.71 -14.98
C PHE B 32 -31.65 -20.34 -13.52
N GLN B 33 -30.74 -20.81 -12.68
CA GLN B 33 -30.81 -20.50 -11.26
C GLN B 33 -30.72 -19.00 -11.03
N ALA B 34 -31.26 -18.55 -9.90
CA ALA B 34 -31.21 -17.13 -9.56
C ALA B 34 -29.78 -16.62 -9.61
N GLU B 35 -28.86 -17.33 -8.97
CA GLU B 35 -27.45 -16.92 -9.00
C GLU B 35 -26.93 -16.93 -10.43
N THR B 36 -27.11 -18.04 -11.14
CA THR B 36 -26.63 -18.13 -12.51
C THR B 36 -27.15 -16.98 -13.37
N LYS B 37 -28.42 -16.61 -13.18
CA LYS B 37 -28.98 -15.49 -13.93
C LYS B 37 -28.17 -14.22 -13.68
N LYS B 38 -27.84 -13.96 -12.42
CA LYS B 38 -27.06 -12.77 -12.08
C LYS B 38 -25.71 -12.77 -12.78
N LEU B 39 -25.02 -13.93 -12.79
CA LEU B 39 -23.71 -13.99 -13.41
C LEU B 39 -23.78 -13.68 -14.90
N LEU B 40 -24.71 -14.33 -15.62
CA LEU B 40 -24.80 -14.12 -17.07
C LEU B 40 -25.04 -12.65 -17.39
N ASP B 41 -25.65 -11.91 -16.47
CA ASP B 41 -25.80 -10.48 -16.66
C ASP B 41 -24.50 -9.75 -16.34
N ILE B 42 -23.84 -10.13 -15.23
CA ILE B 42 -22.60 -9.47 -14.85
C ILE B 42 -21.54 -9.65 -15.95
N VAL B 43 -21.40 -10.88 -16.45
CA VAL B 43 -20.45 -11.11 -17.53
C VAL B 43 -20.90 -10.41 -18.81
N ALA B 44 -22.19 -10.49 -19.12
CA ALA B 44 -22.77 -9.95 -20.35
C ALA B 44 -23.34 -8.54 -20.18
N ARG B 45 -22.78 -7.72 -19.28
CA ARG B 45 -23.23 -6.34 -19.09
C ARG B 45 -22.05 -5.39 -19.14
N SER B 46 -21.65 -5.02 -20.35
CA SER B 46 -20.57 -4.06 -20.60
C SER B 46 -19.29 -4.49 -19.89
N LEU B 47 -18.84 -5.71 -20.19
CA LEU B 47 -17.58 -6.23 -19.67
C LEU B 47 -16.50 -6.17 -20.76
N TYR B 48 -16.21 -4.95 -21.20
CA TYR B 48 -15.26 -4.69 -22.27
C TYR B 48 -13.84 -4.46 -21.77
N SER B 49 -13.59 -4.64 -20.47
CA SER B 49 -12.25 -4.47 -19.93
C SER B 49 -11.25 -5.33 -20.69
N GLU B 50 -11.65 -6.57 -21.01
CA GLU B 50 -10.86 -7.50 -21.80
C GLU B 50 -11.77 -8.64 -22.26
N LYS B 51 -12.03 -8.71 -23.57
CA LYS B 51 -12.94 -9.74 -24.08
C LYS B 51 -12.19 -10.98 -24.52
N GLU B 52 -10.93 -10.82 -24.95
CA GLU B 52 -10.17 -11.95 -25.47
C GLU B 52 -9.89 -13.00 -24.42
N VAL B 53 -10.07 -12.68 -23.12
CA VAL B 53 -9.80 -13.65 -22.07
C VAL B 53 -10.68 -14.88 -22.19
N PHE B 54 -11.84 -14.76 -22.86
CA PHE B 54 -12.71 -15.93 -23.02
C PHE B 54 -11.99 -17.04 -23.76
N ILE B 55 -11.14 -16.69 -24.72
CA ILE B 55 -10.30 -17.69 -25.39
C ILE B 55 -9.44 -18.41 -24.35
N ARG B 56 -8.75 -17.62 -23.51
CA ARG B 56 -7.97 -18.20 -22.42
C ARG B 56 -8.82 -19.11 -21.54
N GLU B 57 -10.00 -18.64 -21.14
CA GLU B 57 -10.85 -19.43 -20.25
C GLU B 57 -11.29 -20.73 -20.93
N LEU B 58 -11.74 -20.64 -22.18
CA LEU B 58 -12.21 -21.84 -22.87
C LEU B 58 -11.06 -22.81 -23.12
N ILE B 59 -9.89 -22.30 -23.54
CA ILE B 59 -8.74 -23.18 -23.72
C ILE B 59 -8.39 -23.87 -22.41
N SER B 60 -8.42 -23.12 -21.30
CA SER B 60 -8.12 -23.71 -20.00
C SER B 60 -9.12 -24.81 -19.66
N ASN B 61 -10.41 -24.58 -19.92
CA ASN B 61 -11.42 -25.61 -19.68
C ASN B 61 -11.14 -26.84 -20.54
N ALA B 62 -10.86 -26.62 -21.84
CA ALA B 62 -10.53 -27.73 -22.71
C ALA B 62 -9.36 -28.54 -22.17
N SER B 63 -8.32 -27.85 -21.69
CA SER B 63 -7.17 -28.55 -21.14
C SER B 63 -7.56 -29.40 -19.94
N ASP B 64 -8.40 -28.86 -19.05
CA ASP B 64 -8.88 -29.63 -17.90
C ASP B 64 -9.63 -30.87 -18.36
N ALA B 65 -10.54 -30.70 -19.33
CA ALA B 65 -11.30 -31.85 -19.83
C ALA B 65 -10.38 -32.94 -20.36
N LEU B 66 -9.39 -32.54 -21.18
CA LEU B 66 -8.43 -33.52 -21.68
C LEU B 66 -7.64 -34.14 -20.53
N GLU B 67 -7.30 -33.35 -19.52
CA GLU B 67 -6.53 -33.88 -18.40
C GLU B 67 -7.32 -34.97 -17.67
N LYS B 68 -8.62 -34.75 -17.46
CA LYS B 68 -9.45 -35.74 -16.79
C LYS B 68 -9.50 -37.05 -17.58
N LEU B 69 -9.73 -36.96 -18.90
CA LEU B 69 -9.82 -38.16 -19.71
C LEU B 69 -8.52 -38.95 -19.68
N ARG B 70 -7.39 -38.28 -19.90
CA ARG B 70 -6.11 -38.98 -19.89
C ARG B 70 -5.87 -39.66 -18.54
N HIS B 71 -6.17 -38.96 -17.44
CA HIS B 71 -5.98 -39.54 -16.12
C HIS B 71 -6.83 -40.79 -15.93
N LYS B 72 -8.09 -40.75 -16.39
CA LYS B 72 -8.95 -41.90 -16.20
C LYS B 72 -8.53 -43.08 -17.06
N LEU B 73 -8.15 -42.81 -18.32
CA LEU B 73 -7.72 -43.89 -19.20
C LEU B 73 -6.41 -44.51 -18.72
N VAL B 74 -5.53 -43.71 -18.13
CA VAL B 74 -4.26 -44.26 -17.62
C VAL B 74 -4.51 -45.10 -16.37
N SER B 75 -5.45 -44.67 -15.52
CA SER B 75 -5.75 -45.45 -14.33
C SER B 75 -6.32 -46.81 -14.69
N ASP B 76 -7.11 -46.89 -15.77
CA ASP B 76 -7.67 -48.15 -16.23
C ASP B 76 -6.82 -48.82 -17.31
N GLY B 77 -5.59 -48.35 -17.51
CA GLY B 77 -4.66 -48.97 -18.44
C GLY B 77 -5.16 -49.21 -19.85
N GLN B 78 -6.10 -48.40 -20.32
CA GLN B 78 -6.59 -48.51 -21.69
C GLN B 78 -5.81 -47.58 -22.62
N ALA B 79 -5.75 -47.96 -23.89
CA ALA B 79 -5.03 -47.15 -24.87
C ALA B 79 -5.59 -45.72 -24.89
N LEU B 80 -4.72 -44.77 -25.23
CA LEU B 80 -5.12 -43.37 -25.22
C LEU B 80 -5.55 -42.94 -26.62
N PRO B 81 -6.72 -42.31 -26.76
CA PRO B 81 -7.13 -41.82 -28.08
C PRO B 81 -6.55 -40.45 -28.37
N GLU B 82 -6.96 -39.84 -29.48
CA GLU B 82 -6.50 -38.49 -29.80
C GLU B 82 -7.01 -37.52 -28.74
N MET B 83 -6.08 -36.83 -28.09
CA MET B 83 -6.39 -35.86 -27.04
C MET B 83 -5.86 -34.52 -27.50
N GLU B 84 -6.74 -33.68 -28.05
CA GLU B 84 -6.33 -32.44 -28.70
C GLU B 84 -7.36 -31.35 -28.42
N ILE B 85 -6.92 -30.10 -28.58
CA ILE B 85 -7.79 -28.94 -28.48
C ILE B 85 -7.79 -28.25 -29.83
N HIS B 86 -8.98 -28.05 -30.40
CA HIS B 86 -9.11 -27.45 -31.72
C HIS B 86 -9.99 -26.22 -31.66
N LEU B 87 -9.54 -25.16 -32.33
CA LEU B 87 -10.29 -23.92 -32.49
C LEU B 87 -10.49 -23.65 -33.97
N GLN B 88 -11.68 -23.19 -34.34
CA GLN B 88 -11.99 -22.87 -35.72
C GLN B 88 -12.72 -21.54 -35.78
N THR B 89 -12.39 -20.74 -36.79
CA THR B 89 -13.05 -19.46 -37.03
C THR B 89 -13.73 -19.47 -38.38
N ASN B 90 -14.94 -18.91 -38.44
CA ASN B 90 -15.72 -18.82 -39.67
C ASN B 90 -16.16 -17.38 -39.82
N ALA B 91 -15.59 -16.67 -40.81
CA ALA B 91 -15.86 -15.25 -40.96
C ALA B 91 -17.26 -14.99 -41.49
N GLU B 92 -17.72 -15.80 -42.45
CA GLU B 92 -19.03 -15.58 -43.04
C GLU B 92 -20.17 -16.01 -42.13
N LYS B 93 -19.91 -16.91 -41.19
CA LYS B 93 -20.90 -17.26 -40.17
C LYS B 93 -20.69 -16.49 -38.87
N GLY B 94 -19.63 -15.68 -38.77
CA GLY B 94 -19.37 -14.95 -37.55
C GLY B 94 -19.27 -15.82 -36.33
N THR B 95 -18.57 -16.95 -36.44
CA THR B 95 -18.52 -17.94 -35.36
C THR B 95 -17.07 -18.23 -34.98
N ILE B 96 -16.89 -18.61 -33.72
CA ILE B 96 -15.64 -19.19 -33.24
C ILE B 96 -15.99 -20.45 -32.46
N THR B 97 -15.27 -21.54 -32.74
CA THR B 97 -15.58 -22.83 -32.16
C THR B 97 -14.34 -23.40 -31.48
N ILE B 98 -14.54 -23.97 -30.29
CA ILE B 98 -13.50 -24.64 -29.54
C ILE B 98 -14.00 -26.05 -29.21
N GLN B 99 -13.23 -27.06 -29.59
CA GLN B 99 -13.59 -28.45 -29.37
C GLN B 99 -12.42 -29.19 -28.75
N ASP B 100 -12.70 -29.99 -27.72
CA ASP B 100 -11.71 -30.87 -27.12
C ASP B 100 -12.25 -32.29 -27.10
N THR B 101 -11.33 -33.26 -27.14
CA THR B 101 -11.68 -34.68 -27.09
C THR B 101 -11.51 -35.24 -25.69
N GLY B 102 -11.99 -34.52 -24.68
CA GLY B 102 -11.81 -34.88 -23.28
C GLY B 102 -12.92 -35.74 -22.73
N ILE B 103 -13.12 -35.62 -21.42
CA ILE B 103 -14.06 -36.49 -20.71
C ILE B 103 -15.51 -36.22 -21.09
N GLY B 104 -15.80 -35.02 -21.59
CA GLY B 104 -17.17 -34.69 -21.96
C GLY B 104 -18.05 -34.45 -20.74
N MET B 105 -19.35 -34.33 -21.01
CA MET B 105 -20.33 -34.05 -19.97
C MET B 105 -21.58 -34.89 -20.20
N THR B 106 -22.20 -35.33 -19.10
CA THR B 106 -23.50 -35.97 -19.14
C THR B 106 -24.61 -34.93 -19.13
N GLN B 107 -25.85 -35.39 -19.31
CA GLN B 107 -26.98 -34.48 -19.34
C GLN B 107 -27.09 -33.66 -18.05
N GLU B 108 -26.83 -34.28 -16.91
CA GLU B 108 -26.87 -33.55 -15.65
C GLU B 108 -25.80 -32.47 -15.59
N GLU B 109 -24.56 -32.83 -15.97
CA GLU B 109 -23.48 -31.84 -15.96
C GLU B 109 -23.81 -30.68 -16.90
N LEU B 110 -24.48 -30.96 -18.01
CA LEU B 110 -24.90 -29.88 -18.89
C LEU B 110 -25.94 -28.99 -18.21
N VAL B 111 -26.86 -29.60 -17.47
CA VAL B 111 -27.88 -28.81 -16.76
C VAL B 111 -27.23 -28.00 -15.65
N SER B 112 -26.34 -28.63 -14.88
CA SER B 112 -25.67 -27.93 -13.78
C SER B 112 -24.61 -26.96 -14.29
N ASN B 113 -23.80 -27.39 -15.25
CA ASN B 113 -22.71 -26.56 -15.78
C ASN B 113 -21.78 -26.11 -14.66
N GLY B 146 -15.76 -18.93 -15.69
CA GLY B 146 -14.92 -19.55 -16.69
C GLY B 146 -15.63 -19.75 -18.02
N PHE B 147 -16.42 -20.81 -18.11
CA PHE B 147 -17.17 -21.07 -19.34
C PHE B 147 -18.08 -19.90 -19.70
N TYR B 148 -18.74 -19.32 -18.70
CA TYR B 148 -19.69 -18.23 -18.97
C TYR B 148 -19.01 -17.00 -19.54
N SER B 149 -17.67 -16.96 -19.56
CA SER B 149 -16.97 -15.88 -20.24
C SER B 149 -17.34 -15.84 -21.73
N ALA B 150 -17.75 -16.97 -22.29
CA ALA B 150 -18.17 -17.00 -23.69
C ALA B 150 -19.24 -15.97 -23.98
N PHE B 151 -20.12 -15.69 -23.02
CA PHE B 151 -21.18 -14.71 -23.23
C PHE B 151 -20.66 -13.28 -23.19
N MET B 152 -19.39 -13.07 -22.85
CA MET B 152 -18.80 -11.75 -23.00
C MET B 152 -18.88 -11.25 -24.44
N VAL B 153 -18.81 -12.17 -25.41
CA VAL B 153 -18.76 -11.82 -26.81
C VAL B 153 -19.82 -12.54 -27.64
N ALA B 154 -20.58 -13.44 -27.04
CA ALA B 154 -21.49 -14.30 -27.80
C ALA B 154 -22.91 -13.75 -27.76
N ASP B 155 -23.55 -13.68 -28.92
CA ASP B 155 -24.98 -13.41 -28.99
C ASP B 155 -25.78 -14.65 -28.63
N ARG B 156 -25.21 -15.82 -28.88
CA ARG B 156 -25.82 -17.10 -28.54
C ARG B 156 -24.71 -18.14 -28.52
N VAL B 157 -24.84 -19.10 -27.61
CA VAL B 157 -23.85 -20.16 -27.43
C VAL B 157 -24.49 -21.50 -27.78
N GLU B 158 -23.74 -22.34 -28.48
CA GLU B 158 -24.20 -23.66 -28.90
C GLU B 158 -23.14 -24.69 -28.50
N VAL B 159 -23.53 -25.64 -27.65
CA VAL B 159 -22.60 -26.60 -27.08
C VAL B 159 -23.06 -28.02 -27.43
N TYR B 160 -22.10 -28.87 -27.77
CA TYR B 160 -22.33 -30.30 -27.95
C TYR B 160 -21.31 -31.06 -27.11
N SER B 161 -21.79 -32.00 -26.30
CA SER B 161 -20.94 -32.74 -25.40
C SER B 161 -21.43 -34.18 -25.27
N ARG B 162 -20.49 -35.12 -25.18
CA ARG B 162 -20.81 -36.52 -24.92
C ARG B 162 -19.76 -37.08 -23.98
N SER B 163 -20.21 -37.59 -22.83
CA SER B 163 -19.28 -38.13 -21.84
C SER B 163 -18.51 -39.32 -22.39
N ALA B 164 -17.31 -39.52 -21.85
CA ALA B 164 -16.46 -40.63 -22.25
C ALA B 164 -16.97 -41.97 -21.75
N ALA B 165 -17.97 -41.98 -20.86
CA ALA B 165 -18.53 -43.22 -20.38
C ALA B 165 -19.01 -44.08 -21.56
N PRO B 166 -18.89 -45.40 -21.44
CA PRO B 166 -19.28 -46.27 -22.57
C PRO B 166 -20.75 -46.17 -22.94
N GLY B 167 -21.63 -45.94 -21.97
CA GLY B 167 -23.05 -45.88 -22.26
C GLY B 167 -23.62 -44.47 -22.25
N SER B 168 -22.85 -43.50 -22.76
CA SER B 168 -23.28 -42.11 -22.78
C SER B 168 -23.86 -41.73 -24.14
N LEU B 169 -24.67 -40.68 -24.12
CA LEU B 169 -25.31 -40.13 -25.31
C LEU B 169 -24.83 -38.70 -25.54
N GLY B 170 -24.91 -38.26 -26.79
CA GLY B 170 -24.59 -36.88 -27.10
C GLY B 170 -25.78 -35.97 -26.84
N TYR B 171 -25.49 -34.76 -26.37
CA TYR B 171 -26.52 -33.80 -26.00
C TYR B 171 -26.19 -32.42 -26.56
N GLN B 172 -27.23 -31.67 -26.88
CA GLN B 172 -27.10 -30.30 -27.36
C GLN B 172 -27.54 -29.33 -26.27
N TRP B 173 -26.75 -28.29 -26.05
CA TRP B 173 -27.04 -27.27 -25.06
C TRP B 173 -27.05 -25.92 -25.76
N LEU B 174 -28.17 -25.20 -25.66
CA LEU B 174 -28.36 -23.93 -26.34
C LEU B 174 -28.78 -22.87 -25.33
N SER B 175 -28.27 -21.65 -25.51
CA SER B 175 -28.63 -20.54 -24.64
C SER B 175 -28.26 -19.23 -25.31
N ASP B 176 -29.15 -18.24 -25.20
CA ASP B 176 -28.89 -16.89 -25.69
C ASP B 176 -28.46 -15.95 -24.57
N GLY B 177 -28.20 -16.50 -23.38
CA GLY B 177 -27.76 -15.69 -22.27
C GLY B 177 -28.85 -14.92 -21.57
N SER B 178 -30.11 -15.29 -21.72
CA SER B 178 -31.19 -14.50 -21.17
C SER B 178 -31.83 -15.05 -19.89
N GLY B 179 -31.65 -16.33 -19.60
CA GLY B 179 -32.26 -16.90 -18.40
C GLY B 179 -33.01 -18.18 -18.67
N VAL B 180 -32.80 -18.75 -19.86
CA VAL B 180 -33.39 -20.03 -20.23
C VAL B 180 -32.41 -20.72 -21.17
N PHE B 181 -32.20 -22.01 -20.95
CA PHE B 181 -31.36 -22.82 -21.83
C PHE B 181 -32.12 -24.06 -22.25
N GLU B 182 -31.64 -24.68 -23.32
CA GLU B 182 -32.32 -25.82 -23.94
C GLU B 182 -31.40 -27.02 -23.95
N ILE B 183 -31.97 -28.18 -23.68
CA ILE B 183 -31.25 -29.45 -23.71
C ILE B 183 -32.00 -30.40 -24.64
N ALA B 184 -31.25 -31.18 -25.41
CA ALA B 184 -31.86 -32.14 -26.31
C ALA B 184 -30.82 -33.17 -26.69
N GLU B 185 -31.27 -34.39 -26.95
CA GLU B 185 -30.39 -35.44 -27.39
C GLU B 185 -29.95 -35.18 -28.83
N ALA B 186 -28.66 -35.39 -29.10
CA ALA B 186 -28.07 -35.08 -30.38
C ALA B 186 -27.29 -36.29 -30.89
N SER B 187 -27.35 -36.50 -32.20
CA SER B 187 -26.59 -37.55 -32.86
C SER B 187 -25.34 -36.98 -33.51
N GLY B 188 -24.36 -37.84 -33.73
CA GLY B 188 -23.11 -37.42 -34.32
C GLY B 188 -22.27 -36.54 -33.42
N VAL B 189 -22.38 -36.71 -32.11
CA VAL B 189 -21.62 -35.93 -31.13
C VAL B 189 -20.38 -36.73 -30.75
N ARG B 190 -19.21 -36.19 -31.09
CA ARG B 190 -17.96 -36.85 -30.72
C ARG B 190 -17.70 -36.70 -29.23
N THR B 191 -17.07 -37.72 -28.65
CA THR B 191 -16.71 -37.68 -27.24
C THR B 191 -15.95 -36.40 -26.92
N GLY B 192 -16.24 -35.84 -25.74
CA GLY B 192 -15.67 -34.57 -25.36
C GLY B 192 -16.69 -33.45 -25.39
N THR B 193 -16.24 -32.24 -25.73
CA THR B 193 -17.12 -31.07 -25.74
C THR B 193 -16.73 -30.16 -26.89
N LYS B 194 -17.75 -29.63 -27.58
CA LYS B 194 -17.56 -28.69 -28.68
C LYS B 194 -18.46 -27.48 -28.44
N ILE B 195 -17.85 -26.30 -28.34
CA ILE B 195 -18.57 -25.06 -28.04
C ILE B 195 -18.53 -24.19 -29.29
N ILE B 196 -19.71 -23.76 -29.74
CA ILE B 196 -19.85 -22.89 -30.90
C ILE B 196 -20.37 -21.55 -30.41
N ILE B 197 -19.58 -20.50 -30.61
CA ILE B 197 -19.91 -19.16 -30.14
C ILE B 197 -20.36 -18.34 -31.35
N HIS B 198 -21.61 -17.93 -31.34
CA HIS B 198 -22.14 -17.02 -32.36
C HIS B 198 -21.91 -15.60 -31.87
N LEU B 199 -20.84 -14.98 -32.34
CA LEU B 199 -20.40 -13.69 -31.82
C LEU B 199 -21.39 -12.58 -32.19
N LYS B 200 -21.59 -11.65 -31.26
CA LYS B 200 -22.38 -10.47 -31.55
C LYS B 200 -21.62 -9.56 -32.53
N SER B 201 -22.36 -8.67 -33.19
CA SER B 201 -21.73 -7.82 -34.20
C SER B 201 -20.59 -7.00 -33.61
N ASP B 202 -20.66 -6.66 -32.32
CA ASP B 202 -19.61 -5.87 -31.69
C ASP B 202 -18.34 -6.66 -31.45
N CYS B 203 -18.36 -7.98 -31.64
CA CYS B 203 -17.20 -8.83 -31.36
C CYS B 203 -16.90 -9.81 -32.49
N LYS B 204 -17.34 -9.50 -33.71
CA LYS B 204 -17.09 -10.42 -34.82
C LYS B 204 -15.61 -10.58 -35.11
N GLU B 205 -14.77 -9.67 -34.61
CA GLU B 205 -13.34 -9.76 -34.89
C GLU B 205 -12.78 -11.11 -34.49
N PHE B 206 -13.33 -11.72 -33.45
CA PHE B 206 -12.89 -13.03 -33.01
C PHE B 206 -13.28 -14.14 -33.97
N SER B 207 -13.89 -13.82 -35.11
CA SER B 207 -14.10 -14.77 -36.19
C SER B 207 -13.02 -14.66 -37.26
N SER B 208 -12.05 -13.78 -37.08
CA SER B 208 -10.93 -13.63 -37.99
C SER B 208 -9.73 -14.40 -37.44
N GLU B 209 -9.08 -15.18 -38.30
CA GLU B 209 -7.95 -15.99 -37.86
C GLU B 209 -6.79 -15.12 -37.39
N ALA B 210 -6.59 -13.96 -38.02
CA ALA B 210 -5.47 -13.10 -37.63
C ALA B 210 -5.64 -12.59 -36.21
N ARG B 211 -6.84 -12.14 -35.86
CA ARG B 211 -7.08 -11.65 -34.50
C ARG B 211 -6.99 -12.79 -33.50
N VAL B 212 -7.55 -13.96 -33.83
CA VAL B 212 -7.53 -15.09 -32.91
C VAL B 212 -6.13 -15.66 -32.78
N ARG B 213 -5.36 -15.68 -33.88
N ARG B 213 -5.38 -15.69 -33.89
CA ARG B 213 -4.03 -16.27 -33.82
CA ARG B 213 -4.03 -16.25 -33.87
C ARG B 213 -3.13 -15.53 -32.84
C ARG B 213 -3.16 -15.54 -32.83
N ASP B 214 -3.22 -14.20 -32.81
CA ASP B 214 -2.42 -13.45 -31.85
C ASP B 214 -2.80 -13.81 -30.42
N VAL B 215 -4.09 -13.96 -30.14
CA VAL B 215 -4.54 -14.33 -28.80
C VAL B 215 -4.08 -15.73 -28.45
N VAL B 216 -4.29 -16.69 -29.35
CA VAL B 216 -3.94 -18.09 -29.06
C VAL B 216 -2.45 -18.20 -28.79
N THR B 217 -1.62 -17.63 -29.67
CA THR B 217 -0.18 -17.69 -29.48
C THR B 217 0.22 -17.09 -28.14
N LYS B 218 -0.44 -16.01 -27.74
CA LYS B 218 -0.07 -15.32 -26.51
C LYS B 218 -0.31 -16.17 -25.27
N TYR B 219 -1.45 -16.87 -25.22
CA TYR B 219 -1.86 -17.56 -23.99
C TYR B 219 -1.38 -19.01 -23.90
N SER B 220 -1.67 -19.82 -24.92
CA SER B 220 -1.59 -21.28 -24.80
C SER B 220 -0.30 -21.86 -25.38
N ASN B 221 0.81 -21.13 -25.32
CA ASN B 221 2.06 -21.69 -25.85
C ASN B 221 2.53 -22.87 -25.02
N PHE B 222 2.23 -22.89 -23.72
CA PHE B 222 2.71 -23.94 -22.83
C PHE B 222 1.62 -24.95 -22.48
N VAL B 223 0.49 -24.92 -23.17
CA VAL B 223 -0.58 -25.88 -22.90
C VAL B 223 -0.07 -27.29 -23.15
N SER B 224 -0.42 -28.21 -22.25
CA SER B 224 0.14 -29.55 -22.27
C SER B 224 -0.48 -30.46 -23.33
N PHE B 225 -1.58 -30.04 -23.95
CA PHE B 225 -2.16 -30.87 -25.00
C PHE B 225 -2.08 -30.16 -26.35
N PRO B 226 -1.92 -30.91 -27.44
CA PRO B 226 -1.81 -30.28 -28.77
C PRO B 226 -3.03 -29.41 -29.05
N LEU B 227 -2.77 -28.14 -29.40
CA LEU B 227 -3.80 -27.18 -29.72
C LEU B 227 -3.65 -26.74 -31.17
N TYR B 228 -4.75 -26.76 -31.91
CA TYR B 228 -4.76 -26.41 -33.32
C TYR B 228 -5.72 -25.25 -33.56
N LEU B 229 -5.34 -24.36 -34.49
CA LEU B 229 -6.17 -23.24 -34.91
C LEU B 229 -6.36 -23.34 -36.42
N ASN B 230 -7.59 -23.60 -36.85
CA ASN B 230 -7.90 -23.78 -38.26
C ASN B 230 -6.97 -24.81 -38.91
N GLY B 231 -6.64 -25.84 -38.14
CA GLY B 231 -5.83 -26.94 -38.64
C GLY B 231 -4.33 -26.77 -38.49
N ARG B 232 -3.87 -25.68 -37.90
CA ARG B 232 -2.44 -25.41 -37.76
C ARG B 232 -2.04 -25.52 -36.30
N ARG B 233 -1.00 -26.31 -36.04
CA ARG B 233 -0.50 -26.46 -34.67
C ARG B 233 0.05 -25.13 -34.16
N MET B 234 -0.26 -24.83 -32.90
CA MET B 234 0.11 -23.56 -32.27
C MET B 234 1.15 -23.72 -31.18
N ASN B 235 0.87 -24.55 -30.18
CA ASN B 235 1.71 -24.65 -28.99
C ASN B 235 2.82 -25.67 -29.18
N THR B 236 4.03 -25.32 -28.73
CA THR B 236 5.17 -26.22 -28.79
C THR B 236 6.06 -26.17 -27.56
N LEU B 237 5.88 -25.22 -26.65
CA LEU B 237 6.74 -25.09 -25.49
C LEU B 237 6.25 -25.96 -24.33
N GLN B 238 7.20 -26.44 -23.54
CA GLN B 238 6.92 -27.33 -22.42
C GLN B 238 6.97 -26.55 -21.11
N ALA B 239 5.92 -26.66 -20.31
CA ALA B 239 5.84 -26.00 -19.00
C ALA B 239 6.63 -26.82 -17.99
N ILE B 240 7.95 -26.68 -18.05
CA ILE B 240 8.83 -27.48 -17.20
C ILE B 240 8.61 -27.19 -15.72
N TRP B 241 7.97 -26.07 -15.38
CA TRP B 241 7.73 -25.76 -13.98
C TRP B 241 6.71 -26.68 -13.34
N MET B 242 5.91 -27.40 -14.14
CA MET B 242 4.99 -28.38 -13.59
C MET B 242 5.66 -29.73 -13.31
N MET B 243 6.80 -29.98 -13.92
CA MET B 243 7.49 -31.26 -13.73
C MET B 243 8.04 -31.36 -12.30
N ASP B 244 8.44 -32.57 -11.95
CA ASP B 244 9.08 -32.78 -10.66
CA ASP B 244 9.09 -32.78 -10.65
C ASP B 244 10.49 -32.18 -10.69
N PRO B 245 10.88 -31.40 -9.68
CA PRO B 245 12.20 -30.75 -9.72
C PRO B 245 13.34 -31.68 -10.09
N LYS B 246 13.33 -32.92 -9.61
CA LYS B 246 14.42 -33.84 -9.88
C LYS B 246 14.44 -34.35 -11.31
N ASP B 247 13.36 -34.16 -12.07
CA ASP B 247 13.32 -34.63 -13.45
C ASP B 247 13.85 -33.61 -14.44
N VAL B 248 13.70 -32.32 -14.16
CA VAL B 248 14.14 -31.29 -15.09
C VAL B 248 15.64 -31.42 -15.34
N ARG B 249 16.03 -31.45 -16.60
N ARG B 249 16.03 -31.45 -16.60
CA ARG B 249 17.43 -31.53 -16.99
CA ARG B 249 17.43 -31.53 -16.99
C ARG B 249 18.04 -30.14 -17.06
C ARG B 249 18.04 -30.14 -17.06
N GLU B 250 19.36 -30.07 -16.88
N GLU B 250 19.36 -30.07 -16.90
CA GLU B 250 20.05 -28.79 -16.92
CA GLU B 250 20.05 -28.79 -16.91
C GLU B 250 19.78 -28.04 -18.21
C GLU B 250 19.81 -28.04 -18.21
N TRP B 251 19.82 -28.76 -19.34
CA TRP B 251 19.59 -28.10 -20.63
C TRP B 251 18.18 -27.54 -20.73
N GLN B 252 17.21 -28.16 -20.06
CA GLN B 252 15.85 -27.62 -20.06
C GLN B 252 15.78 -26.30 -19.29
N HIS B 253 16.41 -26.25 -18.10
CA HIS B 253 16.46 -25.01 -17.35
C HIS B 253 17.15 -23.91 -18.15
N GLU B 254 18.25 -24.25 -18.83
CA GLU B 254 18.96 -23.28 -19.63
C GLU B 254 18.12 -22.80 -20.81
N GLU B 255 17.43 -23.73 -21.48
CA GLU B 255 16.58 -23.35 -22.60
C GLU B 255 15.43 -22.47 -22.14
N PHE B 256 14.80 -22.81 -21.00
CA PHE B 256 13.69 -22.02 -20.49
C PHE B 256 14.16 -20.67 -19.97
N TYR B 257 15.30 -20.65 -19.26
CA TYR B 257 15.81 -19.39 -18.74
C TYR B 257 16.05 -18.38 -19.86
N ARG B 258 16.65 -18.83 -20.96
CA ARG B 258 16.89 -17.92 -22.09
C ARG B 258 15.58 -17.38 -22.66
N TYR B 259 14.52 -18.18 -22.63
CA TYR B 259 13.24 -17.74 -23.17
C TYR B 259 12.58 -16.70 -22.27
N VAL B 260 12.46 -17.00 -20.98
CA VAL B 260 11.75 -16.10 -20.09
C VAL B 260 12.54 -14.81 -19.88
N ALA B 261 13.86 -14.92 -19.75
CA ALA B 261 14.70 -13.75 -19.55
C ALA B 261 15.18 -13.11 -20.84
N GLN B 262 14.90 -13.74 -21.99
CA GLN B 262 15.42 -13.26 -23.28
C GLN B 262 16.92 -12.99 -23.19
N ALA B 263 17.64 -13.88 -22.53
CA ALA B 263 19.07 -13.76 -22.30
C ALA B 263 19.82 -14.80 -23.11
N HIS B 264 21.14 -14.63 -23.17
CA HIS B 264 21.99 -15.55 -23.90
C HIS B 264 22.96 -16.30 -23.00
N ASP B 265 23.04 -15.94 -21.72
CA ASP B 265 23.90 -16.63 -20.77
C ASP B 265 23.14 -17.79 -20.13
N LYS B 266 23.71 -18.34 -19.07
CA LYS B 266 23.10 -19.40 -18.29
C LYS B 266 22.74 -18.89 -16.90
N PRO B 267 21.86 -19.59 -16.18
CA PRO B 267 21.55 -19.17 -14.80
C PRO B 267 22.56 -19.70 -13.80
N ARG B 268 23.06 -18.84 -12.92
CA ARG B 268 23.97 -19.28 -11.88
C ARG B 268 23.24 -19.94 -10.72
N TYR B 269 21.97 -19.59 -10.51
CA TYR B 269 21.13 -20.20 -9.48
C TYR B 269 19.79 -20.57 -10.08
N THR B 270 19.25 -21.71 -9.66
CA THR B 270 17.95 -22.17 -10.11
C THR B 270 17.19 -22.72 -8.91
N LEU B 271 15.98 -22.20 -8.69
CA LEU B 271 15.12 -22.65 -7.60
C LEU B 271 13.79 -23.09 -8.19
N HIS B 272 13.50 -24.39 -8.08
CA HIS B 272 12.24 -24.96 -8.53
C HIS B 272 11.38 -25.17 -7.29
N TYR B 273 10.39 -24.29 -7.10
CA TYR B 273 9.61 -24.23 -5.87
C TYR B 273 8.18 -24.67 -6.17
N LYS B 274 7.77 -25.77 -5.53
CA LYS B 274 6.43 -26.31 -5.67
C LYS B 274 5.81 -26.48 -4.29
N THR B 275 4.62 -25.91 -4.09
CA THR B 275 3.97 -25.98 -2.79
C THR B 275 2.47 -25.81 -2.99
N ASP B 276 1.71 -26.32 -2.00
CA ASP B 276 0.26 -26.19 -2.00
C ASP B 276 -0.30 -25.76 -0.65
N ALA B 277 0.54 -25.56 0.36
CA ALA B 277 0.07 -25.22 1.70
C ALA B 277 -0.53 -23.82 1.74
N PRO B 278 0.28 -22.76 1.58
CA PRO B 278 -0.30 -21.41 1.60
C PRO B 278 -1.18 -21.18 0.39
N LEU B 279 -0.58 -21.33 -0.79
CA LEU B 279 -1.30 -21.25 -2.07
C LEU B 279 -0.79 -22.37 -2.96
N ASN B 280 -1.39 -22.47 -4.15
CA ASN B 280 -0.89 -23.37 -5.18
C ASN B 280 0.18 -22.63 -5.98
N ILE B 281 1.42 -23.11 -5.90
CA ILE B 281 2.55 -22.42 -6.52
C ILE B 281 3.42 -23.43 -7.24
N ARG B 282 3.59 -23.24 -8.55
CA ARG B 282 4.56 -23.96 -9.37
C ARG B 282 5.41 -22.89 -10.05
N SER B 283 6.66 -22.74 -9.60
CA SER B 283 7.47 -21.62 -10.02
C SER B 283 8.93 -22.04 -10.20
N ILE B 284 9.64 -21.30 -11.05
CA ILE B 284 11.07 -21.42 -11.21
C ILE B 284 11.67 -20.02 -11.23
N PHE B 285 12.72 -19.82 -10.46
CA PHE B 285 13.41 -18.53 -10.38
C PHE B 285 14.87 -18.69 -10.77
N TYR B 286 15.35 -17.79 -11.62
CA TYR B 286 16.73 -17.84 -12.09
C TYR B 286 17.46 -16.56 -11.70
N VAL B 287 18.73 -16.71 -11.33
CA VAL B 287 19.65 -15.59 -11.14
C VAL B 287 20.63 -15.61 -12.30
N PRO B 288 20.71 -14.55 -13.10
CA PRO B 288 21.58 -14.60 -14.28
C PRO B 288 23.03 -14.85 -13.89
N ASP B 289 23.73 -15.56 -14.77
CA ASP B 289 25.15 -15.82 -14.52
C ASP B 289 25.98 -14.56 -14.68
N MET B 290 25.56 -13.67 -15.59
CA MET B 290 26.28 -12.41 -15.76
C MET B 290 25.96 -11.45 -14.61
N LYS B 291 26.86 -10.48 -14.41
CA LYS B 291 26.57 -9.42 -13.45
C LYS B 291 25.72 -8.31 -14.06
N PRO B 292 24.88 -7.67 -13.25
CA PRO B 292 24.18 -6.46 -13.72
C PRO B 292 25.13 -5.28 -13.80
N SER B 293 24.85 -4.38 -14.74
CA SER B 293 25.60 -3.14 -14.86
C SER B 293 24.79 -2.01 -14.25
N MET B 294 25.37 -0.80 -14.26
CA MET B 294 24.63 0.37 -13.79
C MET B 294 23.32 0.53 -14.56
N PHE B 295 23.36 0.26 -15.88
CA PHE B 295 22.18 0.41 -16.72
C PHE B 295 21.13 -0.64 -16.39
N ASP B 296 21.54 -1.85 -16.02
CA ASP B 296 20.59 -2.90 -15.71
C ASP B 296 19.79 -2.58 -14.46
N VAL B 297 20.42 -1.93 -13.47
CA VAL B 297 19.75 -1.76 -12.18
C VAL B 297 18.61 -0.75 -12.26
N SER B 298 18.73 0.29 -13.10
CA SER B 298 17.70 1.32 -13.16
C SER B 298 16.91 1.33 -14.46
N ARG B 299 17.32 0.57 -15.47
CA ARG B 299 16.53 0.47 -16.69
C ARG B 299 15.12 -0.02 -16.37
N GLU B 300 15.04 -1.01 -15.49
CA GLU B 300 13.79 -1.53 -14.96
C GLU B 300 13.86 -1.38 -13.45
N LEU B 301 12.84 -0.74 -12.87
CA LEU B 301 12.77 -0.55 -11.42
C LEU B 301 11.62 -1.33 -10.80
N GLY B 302 11.24 -2.44 -11.44
CA GLY B 302 10.21 -3.29 -10.91
C GLY B 302 10.56 -4.75 -11.12
N SER B 303 9.95 -5.60 -10.30
CA SER B 303 10.08 -7.04 -10.51
C SER B 303 9.37 -7.44 -11.80
N SER B 304 9.86 -8.51 -12.42
CA SER B 304 9.31 -8.96 -13.70
C SER B 304 9.40 -10.48 -13.75
N VAL B 305 8.29 -11.15 -13.41
CA VAL B 305 8.16 -12.60 -13.48
C VAL B 305 6.91 -12.92 -14.29
N ALA B 306 6.98 -13.97 -15.11
CA ALA B 306 5.82 -14.34 -15.91
C ALA B 306 4.82 -15.09 -15.04
N LEU B 307 3.56 -14.73 -15.16
CA LEU B 307 2.49 -15.30 -14.36
C LEU B 307 1.66 -16.27 -15.20
N TYR B 308 1.43 -17.47 -14.66
CA TYR B 308 0.67 -18.51 -15.33
C TYR B 308 -0.32 -19.12 -14.34
N SER B 309 -1.36 -19.74 -14.89
CA SER B 309 -2.33 -20.49 -14.10
C SER B 309 -2.73 -21.72 -14.91
N ARG B 310 -2.36 -22.91 -14.41
CA ARG B 310 -2.58 -24.17 -15.11
C ARG B 310 -2.05 -24.11 -16.54
N LYS B 311 -0.79 -23.68 -16.66
CA LYS B 311 -0.05 -23.64 -17.92
C LYS B 311 -0.66 -22.68 -18.93
N VAL B 312 -1.58 -21.81 -18.52
CA VAL B 312 -2.18 -20.81 -19.38
C VAL B 312 -1.67 -19.44 -18.93
N LEU B 313 -1.25 -18.63 -19.89
CA LEU B 313 -0.64 -17.36 -19.57
C LEU B 313 -1.65 -16.39 -18.97
N ILE B 314 -1.23 -15.69 -17.92
CA ILE B 314 -2.03 -14.63 -17.30
C ILE B 314 -1.47 -13.26 -17.64
N GLN B 315 -0.19 -13.03 -17.35
CA GLN B 315 0.46 -11.77 -17.71
C GLN B 315 1.95 -12.00 -17.87
N THR B 316 2.51 -11.51 -18.97
CA THR B 316 3.95 -11.53 -19.17
C THR B 316 4.58 -10.30 -18.50
N LYS B 317 5.68 -10.51 -17.77
CA LYS B 317 6.34 -9.45 -17.01
C LYS B 317 5.41 -8.90 -15.91
N ALA B 318 4.90 -9.81 -15.07
CA ALA B 318 4.10 -9.41 -13.91
C ALA B 318 4.89 -8.45 -13.00
N THR B 319 4.20 -7.44 -12.48
CA THR B 319 4.83 -6.34 -11.77
C THR B 319 4.93 -6.56 -10.26
N ASP B 320 3.94 -7.21 -9.65
CA ASP B 320 3.82 -7.24 -8.19
C ASP B 320 4.02 -8.62 -7.59
N ILE B 321 4.52 -9.59 -8.37
CA ILE B 321 4.66 -10.94 -7.83
C ILE B 321 5.84 -11.03 -6.87
N LEU B 322 6.92 -10.28 -7.14
CA LEU B 322 8.09 -10.30 -6.30
C LEU B 322 8.37 -8.90 -5.76
N PRO B 323 8.99 -8.81 -4.57
CA PRO B 323 9.40 -7.50 -4.05
C PRO B 323 10.35 -6.81 -5.02
N LYS B 324 10.31 -5.48 -5.03
CA LYS B 324 11.11 -4.72 -5.99
C LYS B 324 12.60 -5.03 -5.85
N TRP B 325 13.07 -5.31 -4.64
CA TRP B 325 14.48 -5.64 -4.45
C TRP B 325 14.85 -7.00 -5.02
N LEU B 326 13.86 -7.83 -5.36
CA LEU B 326 14.08 -9.11 -6.01
C LEU B 326 13.85 -9.04 -7.51
N ARG B 327 13.94 -7.85 -8.10
CA ARG B 327 13.69 -7.71 -9.53
C ARG B 327 14.78 -8.34 -10.38
N PHE B 328 15.96 -8.62 -9.80
CA PHE B 328 17.00 -9.31 -10.55
C PHE B 328 16.65 -10.77 -10.80
N ILE B 329 15.55 -11.26 -10.24
CA ILE B 329 15.12 -12.64 -10.46
C ILE B 329 14.33 -12.73 -11.76
N ARG B 330 14.61 -13.77 -12.55
CA ARG B 330 13.83 -14.10 -13.73
C ARG B 330 13.20 -15.47 -13.53
N GLY B 331 12.06 -15.67 -14.16
CA GLY B 331 11.41 -16.97 -14.11
C GLY B 331 9.91 -16.82 -14.29
N VAL B 332 9.18 -17.76 -13.67
CA VAL B 332 7.75 -17.90 -13.89
C VAL B 332 7.09 -18.37 -12.60
N VAL B 333 5.86 -17.92 -12.37
CA VAL B 333 5.03 -18.37 -11.26
C VAL B 333 3.70 -18.83 -11.83
N ASP B 334 3.27 -20.03 -11.43
CA ASP B 334 2.00 -20.61 -11.85
C ASP B 334 1.19 -20.91 -10.60
N SER B 335 0.00 -20.32 -10.50
CA SER B 335 -0.86 -20.49 -9.33
C SER B 335 -2.29 -20.67 -9.79
N GLU B 336 -2.93 -21.74 -9.32
CA GLU B 336 -4.35 -21.95 -9.63
C GLU B 336 -5.24 -20.99 -8.85
N ASP B 337 -4.73 -20.35 -7.82
CA ASP B 337 -5.49 -19.40 -7.00
C ASP B 337 -5.24 -17.97 -7.44
N ILE B 338 -5.42 -17.67 -8.71
CA ILE B 338 -5.25 -16.31 -9.22
C ILE B 338 -6.44 -15.94 -10.09
N PRO B 339 -7.01 -14.74 -9.93
CA PRO B 339 -8.19 -14.29 -10.68
C PRO B 339 -7.98 -14.37 -12.20
N LEU B 347 -1.95 -3.77 -13.65
CA LEU B 347 -3.18 -4.55 -13.73
C LEU B 347 -4.20 -4.11 -12.69
N GLN B 348 -4.96 -5.06 -12.15
CA GLN B 348 -5.90 -4.78 -11.09
C GLN B 348 -5.90 -5.83 -9.99
N GLU B 349 -5.07 -6.87 -10.11
CA GLU B 349 -5.02 -7.96 -9.14
C GLU B 349 -3.95 -7.64 -8.11
N SER B 350 -4.38 -7.04 -7.00
CA SER B 350 -3.49 -6.79 -5.86
C SER B 350 -4.05 -7.34 -4.56
N ALA B 351 -5.29 -7.82 -4.53
CA ALA B 351 -5.85 -8.34 -3.30
C ALA B 351 -5.03 -9.51 -2.78
N LEU B 352 -4.82 -10.52 -3.61
CA LEU B 352 -4.11 -11.72 -3.19
C LEU B 352 -2.65 -11.74 -3.60
N ILE B 353 -2.05 -10.57 -3.87
CA ILE B 353 -0.64 -10.56 -4.23
C ILE B 353 0.21 -10.42 -2.98
N ARG B 354 -0.32 -9.74 -1.97
CA ARG B 354 0.40 -9.61 -0.71
C ARG B 354 0.74 -10.99 -0.14
N LYS B 355 -0.22 -11.91 -0.17
CA LYS B 355 0.00 -13.25 0.37
C LYS B 355 1.04 -14.01 -0.42
N LEU B 356 1.03 -13.85 -1.75
CA LEU B 356 1.96 -14.59 -2.61
C LEU B 356 3.37 -14.00 -2.53
N ARG B 357 3.49 -12.69 -2.74
CA ARG B 357 4.80 -12.05 -2.74
C ARG B 357 5.58 -12.37 -1.47
N ASP B 358 4.89 -12.34 -0.32
CA ASP B 358 5.56 -12.62 0.94
C ASP B 358 6.06 -14.06 1.01
N VAL B 359 5.28 -15.00 0.46
CA VAL B 359 5.72 -16.39 0.47
C VAL B 359 6.98 -16.56 -0.37
N LEU B 360 7.02 -15.94 -1.55
CA LEU B 360 8.17 -16.12 -2.43
C LEU B 360 9.40 -15.40 -1.88
N GLN B 361 9.20 -14.21 -1.29
CA GLN B 361 10.31 -13.50 -0.68
C GLN B 361 10.97 -14.35 0.40
N GLN B 362 10.16 -14.91 1.31
CA GLN B 362 10.71 -15.76 2.36
C GLN B 362 11.38 -17.00 1.76
N ARG B 363 10.73 -17.63 0.78
CA ARG B 363 11.31 -18.82 0.16
C ARG B 363 12.61 -18.50 -0.56
N LEU B 364 12.66 -17.37 -1.27
CA LEU B 364 13.88 -16.99 -1.97
C LEU B 364 14.99 -16.62 -0.99
N ILE B 365 14.65 -15.94 0.10
CA ILE B 365 15.64 -15.62 1.11
C ILE B 365 16.21 -16.89 1.72
N LYS B 366 15.35 -17.87 1.99
CA LYS B 366 15.81 -19.16 2.48
C LYS B 366 16.71 -19.85 1.47
N PHE B 367 16.37 -19.75 0.18
CA PHE B 367 17.18 -20.37 -0.86
C PHE B 367 18.60 -19.81 -0.87
N PHE B 368 18.72 -18.49 -0.71
CA PHE B 368 20.04 -17.87 -0.74
C PHE B 368 20.83 -18.18 0.53
N ILE B 369 20.16 -18.21 1.68
CA ILE B 369 20.81 -18.65 2.90
C ILE B 369 21.39 -20.05 2.72
N ASP B 370 20.63 -20.96 2.09
CA ASP B 370 21.11 -22.31 1.84
C ASP B 370 22.26 -22.31 0.85
N GLN B 371 22.19 -21.45 -0.18
CA GLN B 371 23.25 -21.40 -1.18
C GLN B 371 24.58 -20.99 -0.57
N SER B 372 24.55 -20.06 0.39
CA SER B 372 25.78 -19.67 1.07
C SER B 372 26.38 -20.83 1.85
N LYS B 373 25.53 -21.71 2.39
CA LYS B 373 26.02 -22.86 3.15
C LYS B 373 26.53 -23.96 2.24
N LYS B 374 25.93 -24.15 1.07
CA LYS B 374 26.36 -25.21 0.18
C LYS B 374 27.69 -24.88 -0.49
N ASP B 375 27.83 -23.65 -0.96
CA ASP B 375 29.08 -23.18 -1.57
C ASP B 375 29.26 -21.73 -1.12
N ALA B 376 30.13 -21.51 -0.14
CA ALA B 376 30.33 -20.17 0.39
C ALA B 376 31.06 -19.28 -0.61
N GLU B 377 31.92 -19.87 -1.45
CA GLU B 377 32.71 -19.07 -2.38
C GLU B 377 31.87 -18.57 -3.55
N LYS B 378 31.03 -19.43 -4.12
CA LYS B 378 30.14 -19.00 -5.19
C LYS B 378 29.16 -17.94 -4.69
N TYR B 379 28.69 -18.09 -3.44
CA TYR B 379 27.78 -17.09 -2.88
C TYR B 379 28.49 -15.75 -2.70
N ALA B 380 29.78 -15.77 -2.41
CA ALA B 380 30.53 -14.51 -2.31
C ALA B 380 30.45 -13.72 -3.61
N LYS B 381 30.61 -14.41 -4.74
CA LYS B 381 30.51 -13.73 -6.03
C LYS B 381 29.09 -13.24 -6.29
N PHE B 382 28.09 -14.00 -5.82
CA PHE B 382 26.70 -13.54 -5.92
C PHE B 382 26.48 -12.28 -5.09
N PHE B 383 26.96 -12.27 -3.85
CA PHE B 383 26.81 -11.07 -3.02
C PHE B 383 27.51 -9.87 -3.65
N GLU B 384 28.74 -10.07 -4.14
CA GLU B 384 29.46 -8.99 -4.81
C GLU B 384 28.66 -8.47 -6.00
N ASP B 385 27.97 -9.35 -6.72
CA ASP B 385 27.26 -8.95 -7.93
C ASP B 385 25.87 -8.41 -7.64
N TYR B 386 25.20 -8.90 -6.60
CA TYR B 386 23.81 -8.54 -6.33
C TYR B 386 23.59 -7.98 -4.94
N GLY B 387 24.65 -7.73 -4.17
CA GLY B 387 24.47 -7.19 -2.84
C GLY B 387 23.74 -5.85 -2.82
N LEU B 388 23.91 -5.06 -3.88
CA LEU B 388 23.24 -3.75 -3.94
C LEU B 388 21.74 -3.89 -3.82
N PHE B 389 21.15 -4.88 -4.50
CA PHE B 389 19.70 -5.07 -4.44
C PHE B 389 19.24 -5.32 -3.02
N MET B 390 20.03 -6.05 -2.24
CA MET B 390 19.64 -6.34 -0.86
C MET B 390 19.75 -5.09 0.02
N ARG B 391 20.81 -4.31 -0.15
CA ARG B 391 20.93 -3.05 0.57
C ARG B 391 19.82 -2.09 0.16
N GLU B 392 19.52 -2.02 -1.14
CA GLU B 392 18.41 -1.19 -1.61
C GLU B 392 17.08 -1.65 -1.01
N GLY B 393 16.87 -2.96 -0.95
CA GLY B 393 15.64 -3.48 -0.38
C GLY B 393 15.46 -3.10 1.08
N ILE B 394 16.56 -3.00 1.82
CA ILE B 394 16.48 -2.62 3.23
C ILE B 394 16.20 -1.13 3.37
N VAL B 395 16.89 -0.30 2.57
N VAL B 395 16.89 -0.30 2.57
CA VAL B 395 16.71 1.15 2.66
CA VAL B 395 16.70 1.14 2.66
C VAL B 395 15.33 1.56 2.16
C VAL B 395 15.29 1.53 2.23
N THR B 396 14.66 0.71 1.38
CA THR B 396 13.32 0.99 0.88
C THR B 396 12.23 0.26 1.63
N ALA B 397 12.58 -0.69 2.49
CA ALA B 397 11.58 -1.47 3.21
C ALA B 397 10.84 -0.61 4.22
N THR B 398 9.60 -1.02 4.53
CA THR B 398 8.76 -0.30 5.46
C THR B 398 8.51 -1.06 6.77
N GLU B 399 8.60 -2.38 6.76
CA GLU B 399 8.42 -3.17 7.96
C GLU B 399 9.76 -3.67 8.47
N GLN B 400 9.87 -3.77 9.80
CA GLN B 400 11.15 -4.10 10.42
C GLN B 400 11.53 -5.55 10.15
N GLU B 401 10.54 -6.45 10.13
CA GLU B 401 10.84 -7.87 9.98
C GLU B 401 11.37 -8.19 8.58
N VAL B 402 10.93 -7.46 7.56
CA VAL B 402 11.45 -7.69 6.22
C VAL B 402 12.89 -7.22 6.12
N LYS B 403 13.21 -6.07 6.71
CA LYS B 403 14.59 -5.60 6.72
C LYS B 403 15.51 -6.62 7.36
N GLU B 404 15.08 -7.23 8.47
CA GLU B 404 15.90 -8.23 9.13
C GLU B 404 16.00 -9.50 8.29
N ASP B 405 14.92 -9.88 7.61
CA ASP B 405 14.98 -11.05 6.75
C ASP B 405 15.96 -10.85 5.62
N ILE B 406 15.88 -9.72 4.92
CA ILE B 406 16.82 -9.42 3.85
C ILE B 406 18.23 -9.33 4.39
N ALA B 407 18.39 -8.72 5.58
CA ALA B 407 19.71 -8.57 6.18
C ALA B 407 20.39 -9.91 6.44
N LYS B 408 19.63 -11.00 6.54
CA LYS B 408 20.25 -12.31 6.73
C LYS B 408 21.16 -12.69 5.57
N LEU B 409 20.98 -12.06 4.41
CA LEU B 409 21.83 -12.32 3.25
C LEU B 409 23.09 -11.47 3.21
N LEU B 410 23.12 -10.36 3.95
CA LEU B 410 24.26 -9.46 3.90
C LEU B 410 25.51 -10.10 4.50
N ARG B 411 26.66 -9.77 3.92
N ARG B 411 26.67 -9.73 3.96
CA ARG B 411 27.93 -10.28 4.38
CA ARG B 411 27.93 -10.28 4.44
C ARG B 411 28.86 -9.12 4.72
C ARG B 411 29.04 -9.27 4.21
N TYR B 412 29.81 -9.39 5.59
N TYR B 412 30.02 -9.28 5.12
CA TYR B 412 30.80 -8.40 5.99
CA TYR B 412 31.27 -8.56 4.91
C TYR B 412 32.11 -9.09 6.31
C TYR B 412 32.21 -8.88 6.07
N GLU B 413 33.19 -8.32 6.22
N GLU B 413 33.46 -8.47 5.91
CA GLU B 413 34.47 -8.76 6.74
CA GLU B 413 34.55 -9.01 6.70
C GLU B 413 34.54 -8.43 8.23
C GLU B 413 34.40 -8.66 8.17
N SER B 414 35.32 -9.22 8.97
CA SER B 414 35.35 -9.10 10.41
C SER B 414 36.78 -8.95 10.89
N SER B 415 36.94 -8.28 12.03
CA SER B 415 38.28 -8.10 12.60
C SER B 415 38.85 -9.41 13.11
N ALA B 416 38.00 -10.34 13.54
CA ALA B 416 38.47 -11.64 14.03
C ALA B 416 38.85 -12.59 12.91
N LEU B 417 38.32 -12.38 11.72
CA LEU B 417 38.54 -13.26 10.58
C LEU B 417 39.65 -12.74 9.69
N PRO B 418 40.30 -13.60 8.93
CA PRO B 418 41.43 -13.16 8.11
C PRO B 418 40.98 -12.28 6.95
N SER B 419 41.96 -11.57 6.38
CA SER B 419 41.69 -10.68 5.25
C SER B 419 41.05 -11.47 4.11
N GLY B 420 39.94 -10.93 3.58
CA GLY B 420 39.25 -11.52 2.47
C GLY B 420 38.07 -12.40 2.85
N GLN B 421 37.99 -12.81 4.11
CA GLN B 421 36.93 -13.69 4.57
C GLN B 421 35.70 -12.88 4.97
N LEU B 422 34.54 -13.34 4.52
CA LEU B 422 33.25 -12.72 4.82
C LEU B 422 32.59 -13.44 5.98
N THR B 423 31.62 -12.77 6.59
CA THR B 423 30.85 -13.35 7.68
C THR B 423 29.45 -12.74 7.69
N SER B 424 28.49 -13.53 8.14
CA SER B 424 27.12 -13.08 8.24
C SER B 424 26.85 -12.49 9.62
N LEU B 425 25.77 -11.70 9.70
CA LEU B 425 25.37 -11.16 10.99
C LEU B 425 25.05 -12.26 11.99
N SER B 426 24.55 -13.40 11.50
CA SER B 426 24.26 -14.52 12.39
C SER B 426 25.54 -15.17 12.89
N GLU B 427 26.56 -15.28 12.03
CA GLU B 427 27.83 -15.85 12.46
C GLU B 427 28.47 -14.98 13.53
N TYR B 428 28.38 -13.66 13.38
CA TYR B 428 28.85 -12.77 14.44
C TYR B 428 28.00 -12.93 15.70
N ALA B 429 26.69 -13.04 15.55
CA ALA B 429 25.82 -13.23 16.70
C ALA B 429 26.13 -14.53 17.42
N SER B 430 26.51 -15.57 16.67
CA SER B 430 26.92 -16.82 17.30
C SER B 430 28.13 -16.61 18.20
N ARG B 431 29.06 -15.76 17.78
CA ARG B 431 30.31 -15.56 18.49
C ARG B 431 30.20 -14.51 19.60
N MET B 432 29.07 -13.84 19.73
CA MET B 432 28.89 -12.85 20.79
C MET B 432 28.95 -13.50 22.16
N ASN B 438 25.00 -6.36 21.73
CA ASN B 438 25.15 -5.38 20.66
C ASN B 438 26.07 -5.87 19.56
N ILE B 439 25.92 -5.29 18.38
CA ILE B 439 26.72 -5.63 17.20
C ILE B 439 27.41 -4.35 16.74
N TYR B 440 28.74 -4.37 16.71
CA TYR B 440 29.54 -3.20 16.43
C TYR B 440 30.18 -3.32 15.05
N TYR B 441 30.12 -2.25 14.27
CA TYR B 441 30.65 -2.24 12.91
C TYR B 441 31.40 -0.93 12.67
N LEU B 442 32.26 -0.96 11.65
CA LEU B 442 33.04 0.20 11.24
C LEU B 442 33.19 0.17 9.73
N CYS B 443 32.73 1.23 9.06
CA CYS B 443 32.81 1.34 7.61
C CYS B 443 34.01 2.20 7.24
N ALA B 444 34.92 1.64 6.46
CA ALA B 444 36.11 2.35 6.02
C ALA B 444 36.41 1.98 4.57
N PRO B 445 37.32 2.68 3.89
CA PRO B 445 37.57 2.33 2.48
C PRO B 445 37.92 0.87 2.27
N ASN B 446 38.87 0.34 3.03
CA ASN B 446 39.29 -1.05 2.87
C ASN B 446 39.76 -1.57 4.22
N ARG B 447 40.37 -2.76 4.20
CA ARG B 447 40.70 -3.47 5.44
C ARG B 447 41.64 -2.65 6.32
N HIS B 448 42.74 -2.15 5.75
CA HIS B 448 43.76 -1.49 6.56
C HIS B 448 43.20 -0.25 7.27
N LEU B 449 42.40 0.56 6.56
CA LEU B 449 41.86 1.77 7.18
C LEU B 449 41.00 1.43 8.39
N ALA B 450 40.25 0.34 8.33
CA ALA B 450 39.43 -0.05 9.47
C ALA B 450 40.30 -0.53 10.64
N GLU B 451 41.26 -1.41 10.35
CA GLU B 451 42.09 -1.98 11.41
C GLU B 451 42.97 -0.94 12.07
N HIS B 452 43.38 0.09 11.34
CA HIS B 452 44.23 1.14 11.89
C HIS B 452 43.44 2.35 12.36
N SER B 453 42.14 2.40 12.07
CA SER B 453 41.32 3.48 12.56
C SER B 453 41.25 3.44 14.08
N PRO B 454 41.30 4.60 14.75
CA PRO B 454 41.16 4.58 16.21
C PRO B 454 39.89 3.87 16.66
N TYR B 455 38.85 3.88 15.82
CA TYR B 455 37.58 3.28 16.17
C TYR B 455 37.70 1.80 16.52
N TYR B 456 38.56 1.05 15.82
CA TYR B 456 38.69 -0.37 16.14
C TYR B 456 39.52 -0.60 17.39
N GLU B 457 40.61 0.17 17.53
CA GLU B 457 41.45 0.06 18.71
C GLU B 457 40.66 0.43 19.96
N ALA B 458 39.84 1.48 19.87
CA ALA B 458 39.00 1.93 20.96
C ALA B 458 37.95 0.90 21.35
N MET B 459 37.87 -0.19 20.57
CA MET B 459 36.93 -1.26 20.85
C MET B 459 37.59 -2.62 21.01
N LYS B 460 38.91 -2.74 20.80
CA LYS B 460 39.58 -4.02 20.98
C LYS B 460 39.55 -4.47 22.44
N LYS B 461 39.28 -3.56 23.37
CA LYS B 461 39.12 -3.92 24.76
C LYS B 461 37.87 -4.76 24.96
N LYS B 462 37.90 -5.62 25.98
CA LYS B 462 36.86 -6.60 26.29
C LYS B 462 36.73 -7.68 25.22
N ASP B 463 37.71 -7.81 24.32
CA ASP B 463 37.73 -8.87 23.31
C ASP B 463 36.43 -8.88 22.49
N THR B 464 36.01 -7.70 22.04
CA THR B 464 34.83 -7.56 21.19
C THR B 464 35.25 -7.50 19.73
N GLU B 465 34.56 -8.29 18.90
CA GLU B 465 34.80 -8.32 17.46
C GLU B 465 33.99 -7.25 16.75
N VAL B 466 34.56 -6.72 15.68
CA VAL B 466 33.95 -5.62 14.93
C VAL B 466 33.80 -6.02 13.47
N LEU B 467 32.63 -5.74 12.90
CA LEU B 467 32.39 -5.95 11.48
C LEU B 467 32.96 -4.79 10.66
N PHE B 468 33.43 -5.11 9.46
CA PHE B 468 34.05 -4.13 8.57
C PHE B 468 33.25 -4.04 7.28
N CYS B 469 32.65 -2.88 7.04
CA CYS B 469 31.93 -2.60 5.80
C CYS B 469 32.81 -1.86 4.80
N PHE B 470 32.54 -2.10 3.52
CA PHE B 470 33.29 -1.46 2.44
C PHE B 470 32.36 -0.73 1.47
N GLN B 472 29.79 3.75 1.48
CA GLN B 472 28.82 4.59 2.19
C GLN B 472 27.44 3.94 2.19
N PHE B 473 27.20 3.09 1.19
CA PHE B 473 25.93 2.37 1.12
C PHE B 473 25.80 1.38 2.28
N ASP B 474 26.89 0.71 2.63
CA ASP B 474 26.88 -0.19 3.79
C ASP B 474 26.44 0.54 5.05
N GLU B 475 26.97 1.74 5.28
CA GLU B 475 26.62 2.50 6.48
C GLU B 475 25.14 2.85 6.49
N LEU B 476 24.64 3.41 5.39
CA LEU B 476 23.22 3.74 5.31
C LEU B 476 22.34 2.51 5.50
N THR B 477 22.79 1.36 5.03
CA THR B 477 22.03 0.12 5.23
C THR B 477 21.91 -0.22 6.71
N LEU B 478 23.04 -0.20 7.43
CA LEU B 478 23.00 -0.53 8.85
C LEU B 478 22.23 0.51 9.67
N LEU B 479 22.21 1.76 9.21
CA LEU B 479 21.38 2.76 9.88
C LEU B 479 19.90 2.42 9.74
N HIS B 480 19.49 1.98 8.55
CA HIS B 480 18.11 1.55 8.37
C HIS B 480 17.82 0.25 9.12
N LEU B 481 18.80 -0.66 9.14
CA LEU B 481 18.69 -1.91 9.90
C LEU B 481 19.06 -1.61 11.35
N ARG B 482 18.07 -1.18 12.14
CA ARG B 482 18.33 -0.74 13.50
C ARG B 482 18.88 -1.86 14.38
N GLU B 483 18.35 -3.07 14.24
CA GLU B 483 18.77 -4.15 15.13
C GLU B 483 18.67 -5.49 14.40
N PHE B 484 19.53 -6.43 14.81
CA PHE B 484 19.53 -7.78 14.28
C PHE B 484 19.45 -8.77 15.44
N ASP B 485 18.47 -9.66 15.42
CA ASP B 485 18.30 -10.70 16.44
C ASP B 485 18.24 -10.07 17.83
N LYS B 486 17.46 -9.00 17.96
CA LYS B 486 17.27 -8.26 19.20
C LYS B 486 18.55 -7.63 19.71
N LYS B 487 19.60 -7.62 18.89
CA LYS B 487 20.86 -6.97 19.21
C LYS B 487 20.99 -5.69 18.41
N LYS B 488 21.22 -4.57 19.10
CA LYS B 488 21.29 -3.27 18.46
C LYS B 488 22.60 -3.12 17.70
N LEU B 489 22.53 -2.43 16.57
CA LEU B 489 23.69 -2.20 15.73
C LEU B 489 24.30 -0.86 16.07
N ILE B 490 25.60 -0.86 16.39
CA ILE B 490 26.28 0.33 16.88
C ILE B 490 27.57 0.55 16.09
N SER B 491 27.73 1.75 15.55
CA SER B 491 28.94 2.12 14.84
C SER B 491 30.03 2.51 15.84
N VAL B 492 31.25 2.09 15.54
CA VAL B 492 32.40 2.38 16.38
C VAL B 492 32.50 3.87 16.70
#